data_2HH7
# 
_entry.id   2HH7 
# 
_audit_conform.dict_name       mmcif_pdbx.dic 
_audit_conform.dict_version    5.387 
_audit_conform.dict_location   http://mmcif.pdb.org/dictionaries/ascii/mmcif_pdbx.dic 
# 
loop_
_database_2.database_id 
_database_2.database_code 
_database_2.pdbx_database_accession 
_database_2.pdbx_DOI 
PDB   2HH7         pdb_00002hh7 10.2210/pdb2hh7/pdb 
RCSB  RCSB038344   ?            ?                   
WWPDB D_1000038344 ?            ?                   
# 
loop_
_pdbx_audit_revision_history.ordinal 
_pdbx_audit_revision_history.data_content_type 
_pdbx_audit_revision_history.major_revision 
_pdbx_audit_revision_history.minor_revision 
_pdbx_audit_revision_history.revision_date 
1 'Structure model' 1 0 2006-12-05 
2 'Structure model' 1 1 2008-05-01 
3 'Structure model' 1 2 2011-07-13 
4 'Structure model' 1 3 2024-02-14 
# 
_pdbx_audit_revision_details.ordinal             1 
_pdbx_audit_revision_details.revision_ordinal    1 
_pdbx_audit_revision_details.data_content_type   'Structure model' 
_pdbx_audit_revision_details.provider            repository 
_pdbx_audit_revision_details.type                'Initial release' 
_pdbx_audit_revision_details.description         ? 
_pdbx_audit_revision_details.details             ? 
# 
loop_
_pdbx_audit_revision_group.ordinal 
_pdbx_audit_revision_group.revision_ordinal 
_pdbx_audit_revision_group.data_content_type 
_pdbx_audit_revision_group.group 
1 2 'Structure model' 'Version format compliance' 
2 3 'Structure model' 'Derived calculations'      
3 3 'Structure model' 'Version format compliance' 
4 4 'Structure model' 'Data collection'           
5 4 'Structure model' 'Database references'       
6 4 'Structure model' 'Derived calculations'      
# 
loop_
_pdbx_audit_revision_category.ordinal 
_pdbx_audit_revision_category.revision_ordinal 
_pdbx_audit_revision_category.data_content_type 
_pdbx_audit_revision_category.category 
1 4 'Structure model' chem_comp_atom 
2 4 'Structure model' chem_comp_bond 
3 4 'Structure model' database_2     
4 4 'Structure model' struct_conn    
5 4 'Structure model' struct_site    
# 
loop_
_pdbx_audit_revision_item.ordinal 
_pdbx_audit_revision_item.revision_ordinal 
_pdbx_audit_revision_item.data_content_type 
_pdbx_audit_revision_item.item 
1  4 'Structure model' '_database_2.pdbx_DOI'                
2  4 'Structure model' '_database_2.pdbx_database_accession' 
3  4 'Structure model' '_struct_conn.ptnr1_auth_comp_id'     
4  4 'Structure model' '_struct_conn.ptnr1_auth_seq_id'      
5  4 'Structure model' '_struct_conn.ptnr1_label_asym_id'    
6  4 'Structure model' '_struct_conn.ptnr1_label_atom_id'    
7  4 'Structure model' '_struct_conn.ptnr1_label_comp_id'    
8  4 'Structure model' '_struct_conn.ptnr1_label_seq_id'     
9  4 'Structure model' '_struct_conn.ptnr1_symmetry'         
10 4 'Structure model' '_struct_conn.ptnr2_auth_comp_id'     
11 4 'Structure model' '_struct_conn.ptnr2_auth_seq_id'      
12 4 'Structure model' '_struct_conn.ptnr2_label_asym_id'    
13 4 'Structure model' '_struct_conn.ptnr2_label_atom_id'    
14 4 'Structure model' '_struct_conn.ptnr2_label_comp_id'    
15 4 'Structure model' '_struct_conn.ptnr2_label_seq_id'     
16 4 'Structure model' '_struct_conn.ptnr2_symmetry'         
17 4 'Structure model' '_struct_site.pdbx_auth_asym_id'      
18 4 'Structure model' '_struct_site.pdbx_auth_comp_id'      
19 4 'Structure model' '_struct_site.pdbx_auth_seq_id'       
# 
_pdbx_database_status.status_code                     REL 
_pdbx_database_status.entry_id                        2HH7 
_pdbx_database_status.recvd_initial_deposition_date   2006-06-27 
_pdbx_database_status.deposit_site                    RCSB 
_pdbx_database_status.process_site                    RCSB 
_pdbx_database_status.status_code_sf                  REL 
_pdbx_database_status.status_code_mr                  ? 
_pdbx_database_status.SG_entry                        ? 
_pdbx_database_status.pdb_format_compatible           Y 
_pdbx_database_status.status_code_cs                  ? 
_pdbx_database_status.status_code_nmr_data            ? 
_pdbx_database_status.methods_development_category    ? 
# 
loop_
_audit_author.name 
_audit_author.pdbx_ordinal 
'Sacchettini, J.C.' 1 
'Ramesh, A.'        2 
# 
_citation.id                        primary 
_citation.title                     'CsoR is a novel Mycobacterium tuberculosis copper-sensing transcriptional regulator.' 
_citation.journal_abbrev            Nat.Chem.Biol. 
_citation.journal_volume            3 
_citation.page_first                60 
_citation.page_last                 68 
_citation.year                      2007 
_citation.journal_id_ASTM           ? 
_citation.country                   US 
_citation.journal_id_ISSN           1552-4450 
_citation.journal_id_CSD            ? 
_citation.book_publisher            ? 
_citation.pdbx_database_id_PubMed   17143269 
_citation.pdbx_database_id_DOI      10.1038/nchembio844 
# 
loop_
_citation_author.citation_id 
_citation_author.name 
_citation_author.ordinal 
_citation_author.identifier_ORCID 
primary 'Liu, T.'           1 ? 
primary 'Ramesh, A.'        2 ? 
primary 'Ma, Z.'            3 ? 
primary 'Ward, S.K.'        4 ? 
primary 'Zhang, L.'         5 ? 
primary 'George, G.N.'      6 ? 
primary 'Talaat, A.M.'      7 ? 
primary 'Sacchettini, J.C.' 8 ? 
primary 'Giedroc, D.P.'     9 ? 
# 
loop_
_entity.id 
_entity.type 
_entity.src_method 
_entity.pdbx_description 
_entity.formula_weight 
_entity.pdbx_number_of_molecules 
_entity.pdbx_ec 
_entity.pdbx_mutation 
_entity.pdbx_fragment 
_entity.details 
1 polymer     man 'Hypothetical protein CsoR' 12817.682 1  ? ? ? ? 
2 non-polymer syn 'COPPER (I) ION'            63.546    1  ? ? ? ? 
3 water       nat water                       18.015    20 ? ? ? ? 
# 
_entity_poly.entity_id                      1 
_entity_poly.type                           'polypeptide(L)' 
_entity_poly.nstd_linkage                   no 
_entity_poly.nstd_monomer                   no 
_entity_poly.pdbx_seq_one_letter_code       
;MSKELTAKKRAALNRLKTVRGHLDGIVRMLESDAYCVDVMKQISAVQSSLERANRVMLHNHLETCFSTAVLDGHGQAAIE
ELIDAVKFTPALTGPHARLGGAAVGESATEEPMPDASNM
;
_entity_poly.pdbx_seq_one_letter_code_can   
;MSKELTAKKRAALNRLKTVRGHLDGIVRMLESDAYCVDVMKQISAVQSSLERANRVMLHNHLETCFSTAVLDGHGQAAIE
ELIDAVKFTPALTGPHARLGGAAVGESATEEPMPDASNM
;
_entity_poly.pdbx_strand_id                 A 
_entity_poly.pdbx_target_identifier         ? 
# 
loop_
_pdbx_entity_nonpoly.entity_id 
_pdbx_entity_nonpoly.name 
_pdbx_entity_nonpoly.comp_id 
2 'COPPER (I) ION' CU1 
3 water            HOH 
# 
loop_
_entity_poly_seq.entity_id 
_entity_poly_seq.num 
_entity_poly_seq.mon_id 
_entity_poly_seq.hetero 
1 1   MET n 
1 2   SER n 
1 3   LYS n 
1 4   GLU n 
1 5   LEU n 
1 6   THR n 
1 7   ALA n 
1 8   LYS n 
1 9   LYS n 
1 10  ARG n 
1 11  ALA n 
1 12  ALA n 
1 13  LEU n 
1 14  ASN n 
1 15  ARG n 
1 16  LEU n 
1 17  LYS n 
1 18  THR n 
1 19  VAL n 
1 20  ARG n 
1 21  GLY n 
1 22  HIS n 
1 23  LEU n 
1 24  ASP n 
1 25  GLY n 
1 26  ILE n 
1 27  VAL n 
1 28  ARG n 
1 29  MET n 
1 30  LEU n 
1 31  GLU n 
1 32  SER n 
1 33  ASP n 
1 34  ALA n 
1 35  TYR n 
1 36  CYS n 
1 37  VAL n 
1 38  ASP n 
1 39  VAL n 
1 40  MET n 
1 41  LYS n 
1 42  GLN n 
1 43  ILE n 
1 44  SER n 
1 45  ALA n 
1 46  VAL n 
1 47  GLN n 
1 48  SER n 
1 49  SER n 
1 50  LEU n 
1 51  GLU n 
1 52  ARG n 
1 53  ALA n 
1 54  ASN n 
1 55  ARG n 
1 56  VAL n 
1 57  MET n 
1 58  LEU n 
1 59  HIS n 
1 60  ASN n 
1 61  HIS n 
1 62  LEU n 
1 63  GLU n 
1 64  THR n 
1 65  CYS n 
1 66  PHE n 
1 67  SER n 
1 68  THR n 
1 69  ALA n 
1 70  VAL n 
1 71  LEU n 
1 72  ASP n 
1 73  GLY n 
1 74  HIS n 
1 75  GLY n 
1 76  GLN n 
1 77  ALA n 
1 78  ALA n 
1 79  ILE n 
1 80  GLU n 
1 81  GLU n 
1 82  LEU n 
1 83  ILE n 
1 84  ASP n 
1 85  ALA n 
1 86  VAL n 
1 87  LYS n 
1 88  PHE n 
1 89  THR n 
1 90  PRO n 
1 91  ALA n 
1 92  LEU n 
1 93  THR n 
1 94  GLY n 
1 95  PRO n 
1 96  HIS n 
1 97  ALA n 
1 98  ARG n 
1 99  LEU n 
1 100 GLY n 
1 101 GLY n 
1 102 ALA n 
1 103 ALA n 
1 104 VAL n 
1 105 GLY n 
1 106 GLU n 
1 107 SER n 
1 108 ALA n 
1 109 THR n 
1 110 GLU n 
1 111 GLU n 
1 112 PRO n 
1 113 MET n 
1 114 PRO n 
1 115 ASP n 
1 116 ALA n 
1 117 SER n 
1 118 ASN n 
1 119 MET n 
# 
_entity_src_gen.entity_id                          1 
_entity_src_gen.pdbx_src_id                        1 
_entity_src_gen.pdbx_alt_source_flag               sample 
_entity_src_gen.pdbx_seq_type                      ? 
_entity_src_gen.pdbx_beg_seq_num                   ? 
_entity_src_gen.pdbx_end_seq_num                   ? 
_entity_src_gen.gene_src_common_name               ? 
_entity_src_gen.gene_src_genus                     Mycobacterium 
_entity_src_gen.pdbx_gene_src_gene                 ? 
_entity_src_gen.gene_src_species                   ? 
_entity_src_gen.gene_src_strain                    ? 
_entity_src_gen.gene_src_tissue                    ? 
_entity_src_gen.gene_src_tissue_fraction           ? 
_entity_src_gen.gene_src_details                   ? 
_entity_src_gen.pdbx_gene_src_fragment             ? 
_entity_src_gen.pdbx_gene_src_scientific_name      'Mycobacterium tuberculosis' 
_entity_src_gen.pdbx_gene_src_ncbi_taxonomy_id     1773 
_entity_src_gen.pdbx_gene_src_variant              ? 
_entity_src_gen.pdbx_gene_src_cell_line            ? 
_entity_src_gen.pdbx_gene_src_atcc                 ? 
_entity_src_gen.pdbx_gene_src_organ                ? 
_entity_src_gen.pdbx_gene_src_organelle            ? 
_entity_src_gen.pdbx_gene_src_cell                 ? 
_entity_src_gen.pdbx_gene_src_cellular_location    ? 
_entity_src_gen.host_org_common_name               ? 
_entity_src_gen.pdbx_host_org_scientific_name      'Escherichia coli' 
_entity_src_gen.pdbx_host_org_ncbi_taxonomy_id     562 
_entity_src_gen.host_org_genus                     Escherichia 
_entity_src_gen.pdbx_host_org_gene                 ? 
_entity_src_gen.pdbx_host_org_organ                ? 
_entity_src_gen.host_org_species                   ? 
_entity_src_gen.pdbx_host_org_tissue               ? 
_entity_src_gen.pdbx_host_org_tissue_fraction      ? 
_entity_src_gen.pdbx_host_org_strain               ? 
_entity_src_gen.pdbx_host_org_variant              ? 
_entity_src_gen.pdbx_host_org_cell_line            ? 
_entity_src_gen.pdbx_host_org_atcc                 ? 
_entity_src_gen.pdbx_host_org_culture_collection   ? 
_entity_src_gen.pdbx_host_org_cell                 ? 
_entity_src_gen.pdbx_host_org_organelle            ? 
_entity_src_gen.pdbx_host_org_cellular_location    ? 
_entity_src_gen.pdbx_host_org_vector_type          ? 
_entity_src_gen.pdbx_host_org_vector               ? 
_entity_src_gen.host_org_details                   ? 
_entity_src_gen.expression_system_id               ? 
_entity_src_gen.plasmid_name                       ? 
_entity_src_gen.plasmid_details                    ? 
_entity_src_gen.pdbx_description                   ? 
# 
loop_
_chem_comp.id 
_chem_comp.type 
_chem_comp.mon_nstd_flag 
_chem_comp.name 
_chem_comp.pdbx_synonyms 
_chem_comp.formula 
_chem_comp.formula_weight 
ALA 'L-peptide linking' y ALANINE          ? 'C3 H7 N O2'     89.093  
ARG 'L-peptide linking' y ARGININE         ? 'C6 H15 N4 O2 1' 175.209 
ASN 'L-peptide linking' y ASPARAGINE       ? 'C4 H8 N2 O3'    132.118 
ASP 'L-peptide linking' y 'ASPARTIC ACID'  ? 'C4 H7 N O4'     133.103 
CU1 non-polymer         . 'COPPER (I) ION' ? 'Cu 1'           63.546  
CYS 'L-peptide linking' y CYSTEINE         ? 'C3 H7 N O2 S'   121.158 
GLN 'L-peptide linking' y GLUTAMINE        ? 'C5 H10 N2 O3'   146.144 
GLU 'L-peptide linking' y 'GLUTAMIC ACID'  ? 'C5 H9 N O4'     147.129 
GLY 'peptide linking'   y GLYCINE          ? 'C2 H5 N O2'     75.067  
HIS 'L-peptide linking' y HISTIDINE        ? 'C6 H10 N3 O2 1' 156.162 
HOH non-polymer         . WATER            ? 'H2 O'           18.015  
ILE 'L-peptide linking' y ISOLEUCINE       ? 'C6 H13 N O2'    131.173 
LEU 'L-peptide linking' y LEUCINE          ? 'C6 H13 N O2'    131.173 
LYS 'L-peptide linking' y LYSINE           ? 'C6 H15 N2 O2 1' 147.195 
MET 'L-peptide linking' y METHIONINE       ? 'C5 H11 N O2 S'  149.211 
PHE 'L-peptide linking' y PHENYLALANINE    ? 'C9 H11 N O2'    165.189 
PRO 'L-peptide linking' y PROLINE          ? 'C5 H9 N O2'     115.130 
SER 'L-peptide linking' y SERINE           ? 'C3 H7 N O3'     105.093 
THR 'L-peptide linking' y THREONINE        ? 'C4 H9 N O3'     119.119 
TYR 'L-peptide linking' y TYROSINE         ? 'C9 H11 N O3'    181.189 
VAL 'L-peptide linking' y VALINE           ? 'C5 H11 N O2'    117.146 
# 
loop_
_pdbx_poly_seq_scheme.asym_id 
_pdbx_poly_seq_scheme.entity_id 
_pdbx_poly_seq_scheme.seq_id 
_pdbx_poly_seq_scheme.mon_id 
_pdbx_poly_seq_scheme.ndb_seq_num 
_pdbx_poly_seq_scheme.pdb_seq_num 
_pdbx_poly_seq_scheme.auth_seq_num 
_pdbx_poly_seq_scheme.pdb_mon_id 
_pdbx_poly_seq_scheme.auth_mon_id 
_pdbx_poly_seq_scheme.pdb_strand_id 
_pdbx_poly_seq_scheme.pdb_ins_code 
_pdbx_poly_seq_scheme.hetero 
A 1 1   MET 1   1   ?  ?   ?   A . n 
A 1 2   SER 2   2   ?  ?   ?   A . n 
A 1 3   LYS 3   3   ?  ?   ?   A . n 
A 1 4   GLU 4   4   4  GLU GLU A . n 
A 1 5   LEU 5   5   5  LEU LEU A . n 
A 1 6   THR 6   6   6  THR THR A . n 
A 1 7   ALA 7   7   7  ALA ALA A . n 
A 1 8   LYS 8   8   8  LYS LYS A . n 
A 1 9   LYS 9   9   9  LYS LYS A . n 
A 1 10  ARG 10  10  10 ARG ARG A . n 
A 1 11  ALA 11  11  11 ALA ALA A . n 
A 1 12  ALA 12  12  12 ALA ALA A . n 
A 1 13  LEU 13  13  13 LEU LEU A . n 
A 1 14  ASN 14  14  14 ASN ASN A . n 
A 1 15  ARG 15  15  15 ARG ARG A . n 
A 1 16  LEU 16  16  16 LEU LEU A . n 
A 1 17  LYS 17  17  17 LYS LYS A . n 
A 1 18  THR 18  18  18 THR THR A . n 
A 1 19  VAL 19  19  19 VAL VAL A . n 
A 1 20  ARG 20  20  20 ARG ARG A . n 
A 1 21  GLY 21  21  21 GLY GLY A . n 
A 1 22  HIS 22  22  22 HIS HIS A . n 
A 1 23  LEU 23  23  23 LEU LEU A . n 
A 1 24  ASP 24  24  24 ASP ASP A . n 
A 1 25  GLY 25  25  25 GLY GLY A . n 
A 1 26  ILE 26  26  26 ILE ILE A . n 
A 1 27  VAL 27  27  27 VAL VAL A . n 
A 1 28  ARG 28  28  28 ARG ARG A . n 
A 1 29  MET 29  29  29 MET MET A . n 
A 1 30  LEU 30  30  30 LEU LEU A . n 
A 1 31  GLU 31  31  31 GLU GLU A . n 
A 1 32  SER 32  32  32 SER SER A . n 
A 1 33  ASP 33  33  33 ASP ASP A . n 
A 1 34  ALA 34  34  34 ALA ALA A . n 
A 1 35  TYR 35  35  35 TYR TYR A . n 
A 1 36  CYS 36  36  36 CYS CYS A . n 
A 1 37  VAL 37  37  37 VAL VAL A . n 
A 1 38  ASP 38  38  38 ASP ASP A . n 
A 1 39  VAL 39  39  39 VAL VAL A . n 
A 1 40  MET 40  40  40 MET MET A . n 
A 1 41  LYS 41  41  41 LYS LYS A . n 
A 1 42  GLN 42  42  42 GLN GLN A . n 
A 1 43  ILE 43  43  43 ILE ILE A . n 
A 1 44  SER 44  44  44 SER SER A . n 
A 1 45  ALA 45  45  45 ALA ALA A . n 
A 1 46  VAL 46  46  46 VAL VAL A . n 
A 1 47  GLN 47  47  47 GLN GLN A . n 
A 1 48  SER 48  48  48 SER SER A . n 
A 1 49  SER 49  49  49 SER SER A . n 
A 1 50  LEU 50  50  50 LEU LEU A . n 
A 1 51  GLU 51  51  51 GLU GLU A . n 
A 1 52  ARG 52  52  52 ARG ARG A . n 
A 1 53  ALA 53  53  53 ALA ALA A . n 
A 1 54  ASN 54  54  54 ASN ASN A . n 
A 1 55  ARG 55  55  55 ARG ARG A . n 
A 1 56  VAL 56  56  56 VAL VAL A . n 
A 1 57  MET 57  57  57 MET MET A . n 
A 1 58  LEU 58  58  58 LEU LEU A . n 
A 1 59  HIS 59  59  59 HIS HIS A . n 
A 1 60  ASN 60  60  60 ASN ASN A . n 
A 1 61  HIS 61  61  61 HIS HIS A . n 
A 1 62  LEU 62  62  62 LEU LEU A . n 
A 1 63  GLU 63  63  63 GLU GLU A . n 
A 1 64  THR 64  64  64 THR THR A . n 
A 1 65  CYS 65  65  65 CYS CYS A . n 
A 1 66  PHE 66  66  66 PHE PHE A . n 
A 1 67  SER 67  67  67 SER SER A . n 
A 1 68  THR 68  68  68 THR THR A . n 
A 1 69  ALA 69  69  69 ALA ALA A . n 
A 1 70  VAL 70  70  70 VAL VAL A . n 
A 1 71  LEU 71  71  71 LEU LEU A . n 
A 1 72  ASP 72  72  72 ASP ASP A . n 
A 1 73  GLY 73  73  73 GLY GLY A . n 
A 1 74  HIS 74  74  74 HIS HIS A . n 
A 1 75  GLY 75  75  75 GLY GLY A . n 
A 1 76  GLN 76  76  76 GLN GLN A . n 
A 1 77  ALA 77  77  77 ALA ALA A . n 
A 1 78  ALA 78  78  78 ALA ALA A . n 
A 1 79  ILE 79  79  79 ILE ILE A . n 
A 1 80  GLU 80  80  80 GLU GLU A . n 
A 1 81  GLU 81  81  81 GLU GLU A . n 
A 1 82  LEU 82  82  82 LEU LEU A . n 
A 1 83  ILE 83  83  83 ILE ILE A . n 
A 1 84  ASP 84  84  84 ASP ASP A . n 
A 1 85  ALA 85  85  85 ALA ALA A . n 
A 1 86  VAL 86  86  86 VAL VAL A . n 
A 1 87  LYS 87  87  87 LYS LYS A . n 
A 1 88  PHE 88  88  88 PHE PHE A . n 
A 1 89  THR 89  89  ?  ?   ?   A . n 
A 1 90  PRO 90  90  ?  ?   ?   A . n 
A 1 91  ALA 91  91  ?  ?   ?   A . n 
A 1 92  LEU 92  92  ?  ?   ?   A . n 
A 1 93  THR 93  93  ?  ?   ?   A . n 
A 1 94  GLY 94  94  ?  ?   ?   A . n 
A 1 95  PRO 95  95  ?  ?   ?   A . n 
A 1 96  HIS 96  96  ?  ?   ?   A . n 
A 1 97  ALA 97  97  ?  ?   ?   A . n 
A 1 98  ARG 98  98  ?  ?   ?   A . n 
A 1 99  LEU 99  99  ?  ?   ?   A . n 
A 1 100 GLY 100 100 ?  ?   ?   A . n 
A 1 101 GLY 101 101 ?  ?   ?   A . n 
A 1 102 ALA 102 102 ?  ?   ?   A . n 
A 1 103 ALA 103 103 ?  ?   ?   A . n 
A 1 104 VAL 104 104 ?  ?   ?   A . n 
A 1 105 GLY 105 105 ?  ?   ?   A . n 
A 1 106 GLU 106 106 ?  ?   ?   A . n 
A 1 107 SER 107 107 ?  ?   ?   A . n 
A 1 108 ALA 108 108 ?  ?   ?   A . n 
A 1 109 THR 109 109 ?  ?   ?   A . n 
A 1 110 GLU 110 110 ?  ?   ?   A . n 
A 1 111 GLU 111 111 ?  ?   ?   A . n 
A 1 112 PRO 112 112 ?  ?   ?   A . n 
A 1 113 MET 113 113 ?  ?   ?   A . n 
A 1 114 PRO 114 114 ?  ?   ?   A . n 
A 1 115 ASP 115 115 ?  ?   ?   A . n 
A 1 116 ALA 116 116 ?  ?   ?   A . n 
A 1 117 SER 117 117 ?  ?   ?   A . n 
A 1 118 ASN 118 118 ?  ?   ?   A . n 
A 1 119 MET 119 119 ?  ?   ?   A . n 
# 
loop_
_pdbx_nonpoly_scheme.asym_id 
_pdbx_nonpoly_scheme.entity_id 
_pdbx_nonpoly_scheme.mon_id 
_pdbx_nonpoly_scheme.ndb_seq_num 
_pdbx_nonpoly_scheme.pdb_seq_num 
_pdbx_nonpoly_scheme.auth_seq_num 
_pdbx_nonpoly_scheme.pdb_mon_id 
_pdbx_nonpoly_scheme.auth_mon_id 
_pdbx_nonpoly_scheme.pdb_strand_id 
_pdbx_nonpoly_scheme.pdb_ins_code 
B 2 CU1 1  120 25 CU1 CU1 A . 
C 3 HOH 1  121 0  HOH HOH A . 
C 3 HOH 2  122 1  HOH HOH A . 
C 3 HOH 3  123 2  HOH HOH A . 
C 3 HOH 4  124 3  HOH HOH A . 
C 3 HOH 5  125 4  HOH HOH A . 
C 3 HOH 6  126 5  HOH HOH A . 
C 3 HOH 7  127 6  HOH HOH A . 
C 3 HOH 8  128 7  HOH HOH A . 
C 3 HOH 9  129 8  HOH HOH A . 
C 3 HOH 10 130 9  HOH HOH A . 
C 3 HOH 11 131 10 HOH HOH A . 
C 3 HOH 12 132 11 HOH HOH A . 
C 3 HOH 13 133 12 HOH HOH A . 
C 3 HOH 14 134 13 HOH HOH A . 
C 3 HOH 15 135 14 HOH HOH A . 
C 3 HOH 16 136 15 HOH HOH A . 
C 3 HOH 17 137 16 HOH HOH A . 
C 3 HOH 18 138 17 HOH HOH A . 
C 3 HOH 19 139 18 HOH HOH A . 
C 3 HOH 20 140 19 HOH HOH A . 
# 
loop_
_software.name 
_software.classification 
_software.version 
_software.citation_id 
_software.pdbx_ordinal 
SOLVE     phasing          . ? 1 
PHENIX    refinement       . ? 2 
HKL-2000  'data reduction' . ? 3 
SCALEPACK 'data scaling'   . ? 4 
# 
_cell.entry_id           2HH7 
_cell.length_a           91.059 
_cell.length_b           91.059 
_cell.length_c           46.779 
_cell.angle_alpha        90.00 
_cell.angle_beta         90.00 
_cell.angle_gamma        120.00 
_cell.Z_PDB              12 
_cell.pdbx_unique_axis   ? 
_cell.length_a_esd       ? 
_cell.length_b_esd       ? 
_cell.length_c_esd       ? 
_cell.angle_alpha_esd    ? 
_cell.angle_beta_esd     ? 
_cell.angle_gamma_esd    ? 
# 
_symmetry.entry_id                         2HH7 
_symmetry.space_group_name_H-M             'P 64 2 2' 
_symmetry.pdbx_full_space_group_name_H-M   ? 
_symmetry.cell_setting                     ? 
_symmetry.Int_Tables_number                181 
_symmetry.space_group_name_Hall            ? 
# 
_exptl.entry_id          2HH7 
_exptl.method            'X-RAY DIFFRACTION' 
_exptl.crystals_number   1 
# 
_exptl_crystal.id                    1 
_exptl_crystal.density_meas          ? 
_exptl_crystal.density_Matthews      2.18 
_exptl_crystal.density_percent_sol   43.66 
_exptl_crystal.description           ? 
_exptl_crystal.F_000                 ? 
_exptl_crystal.preparation           ? 
# 
_exptl_crystal_grow.crystal_id      1 
_exptl_crystal_grow.method          'VAPOR DIFFUSION, HANGING DROP' 
_exptl_crystal_grow.temp            290 
_exptl_crystal_grow.temp_details    ? 
_exptl_crystal_grow.pH              5.6 
_exptl_crystal_grow.pdbx_details    
'30% Peg4000,0.1Msodium citrate tribasic dihydrate, 0.2M ammonium acetate, pH 5.6, VAPOR DIFFUSION, HANGING DROP, temperature 290K' 
_exptl_crystal_grow.pdbx_pH_range   . 
# 
loop_
_diffrn.id 
_diffrn.ambient_temp 
_diffrn.ambient_temp_details 
_diffrn.crystal_id 
1 100 ? 1 
2 ?   ? 1 
# 
loop_
_diffrn_detector.diffrn_id 
_diffrn_detector.detector 
_diffrn_detector.type 
_diffrn_detector.pdbx_collection_date 
_diffrn_detector.details 
1 CCD 'ADSC QUANTUM 315' 2005-11-27 ? 
2 CCD 'ADSC QUANTUM 315' 2005-10-28 ? 
# 
_diffrn_radiation.diffrn_id                        1 
_diffrn_radiation.wavelength_id                    1 
_diffrn_radiation.pdbx_monochromatic_or_laue_m_l   M 
_diffrn_radiation.monochromator                    ? 
_diffrn_radiation.pdbx_diffrn_protocol             MAD 
_diffrn_radiation.pdbx_scattering_type             x-ray 
# 
loop_
_diffrn_radiation_wavelength.id 
_diffrn_radiation_wavelength.wavelength 
_diffrn_radiation_wavelength.wt 
1 0.97927 1.0 
2 0.97962 1.0 
3 0.97974 1.0 
4 0.95373 1.0 
# 
loop_
_diffrn_source.diffrn_id 
_diffrn_source.source 
_diffrn_source.type 
_diffrn_source.pdbx_synchrotron_site 
_diffrn_source.pdbx_synchrotron_beamline 
_diffrn_source.pdbx_wavelength 
_diffrn_source.pdbx_wavelength_list 
1 SYNCHROTRON 'APS BEAMLINE 19-ID' APS 19-ID ? 0.97927                     
2 SYNCHROTRON 'ALS BEAMLINE 8.3.1' ALS 8.3.1 ? '0.97962, 0.97974, 0.95373' 
# 
_reflns.entry_id                     2HH7 
_reflns.observed_criterion_sigma_F   2 
_reflns.observed_criterion_sigma_I   4.24 
_reflns.d_resolution_high            2.55 
_reflns.d_resolution_low             50 
_reflns.number_all                   4011 
_reflns.number_obs                   3987 
_reflns.percent_possible_obs         99.4 
_reflns.pdbx_Rmerge_I_obs            ? 
_reflns.pdbx_Rsym_value              ? 
_reflns.pdbx_netI_over_sigmaI        ? 
_reflns.B_iso_Wilson_estimate        ? 
_reflns.pdbx_redundancy              ? 
_reflns.R_free_details               ? 
_reflns.limit_h_max                  ? 
_reflns.limit_h_min                  ? 
_reflns.limit_k_max                  ? 
_reflns.limit_k_min                  ? 
_reflns.limit_l_max                  ? 
_reflns.limit_l_min                  ? 
_reflns.observed_criterion_F_max     ? 
_reflns.observed_criterion_F_min     ? 
_reflns.pdbx_chi_squared             ? 
_reflns.pdbx_scaling_rejects         ? 
_reflns.pdbx_ordinal                 1 
_reflns.pdbx_diffrn_id               1 
# 
_reflns_shell.d_res_high             2.55 
_reflns_shell.d_res_low              ? 
_reflns_shell.percent_possible_all   99.2 
_reflns_shell.Rmerge_I_obs           ? 
_reflns_shell.pdbx_Rsym_value        ? 
_reflns_shell.meanI_over_sigI_obs    ? 
_reflns_shell.pdbx_redundancy        ? 
_reflns_shell.percent_possible_obs   ? 
_reflns_shell.number_unique_all      ? 
_reflns_shell.number_measured_all    ? 
_reflns_shell.number_measured_obs    ? 
_reflns_shell.number_unique_obs      ? 
_reflns_shell.pdbx_chi_squared       ? 
_reflns_shell.pdbx_ordinal           1 
_reflns_shell.pdbx_diffrn_id         1 
# 
_refine.entry_id                                 2HH7 
_refine.ls_d_res_high                            2.55 
_refine.ls_d_res_low                             20 
_refine.pdbx_ls_sigma_F                          4.24 
_refine.pdbx_ls_sigma_I                          ? 
_refine.ls_number_reflns_all                     3989 
_refine.ls_number_reflns_obs                     3952 
_refine.ls_number_reflns_R_free                  184 
_refine.ls_percent_reflns_obs                    ? 
_refine.ls_R_factor_all                          ? 
_refine.ls_R_factor_obs                          ? 
_refine.ls_R_factor_R_work                       0.231 
_refine.ls_R_factor_R_free                       0.279 
_refine.ls_redundancy_reflns_obs                 ? 
_refine.pdbx_data_cutoff_high_absF               ? 
_refine.pdbx_data_cutoff_low_absF                ? 
_refine.ls_number_parameters                     ? 
_refine.ls_number_restraints                     ? 
_refine.ls_percent_reflns_R_free                 ? 
_refine.ls_R_factor_R_free_error                 ? 
_refine.ls_R_factor_R_free_error_details         ? 
_refine.pdbx_method_to_determine_struct          MAD 
_refine.pdbx_starting_model                      ? 
_refine.pdbx_ls_cross_valid_method               ? 
_refine.pdbx_R_Free_selection_details            random 
_refine.pdbx_stereochem_target_val_spec_case     ? 
_refine.pdbx_stereochemistry_target_values       'Engh & Huber' 
_refine.solvent_model_details                    ? 
_refine.solvent_model_param_bsol                 ? 
_refine.solvent_model_param_ksol                 ? 
_refine.occupancy_max                            ? 
_refine.occupancy_min                            ? 
_refine.pdbx_isotropic_thermal_model             ? 
_refine.B_iso_mean                               ? 
_refine.aniso_B[1][1]                            ? 
_refine.aniso_B[1][2]                            ? 
_refine.aniso_B[1][3]                            ? 
_refine.aniso_B[2][2]                            ? 
_refine.aniso_B[2][3]                            ? 
_refine.aniso_B[3][3]                            ? 
_refine.details                                  ? 
_refine.B_iso_min                                ? 
_refine.B_iso_max                                ? 
_refine.correlation_coeff_Fo_to_Fc               ? 
_refine.correlation_coeff_Fo_to_Fc_free          ? 
_refine.pdbx_solvent_vdw_probe_radii             ? 
_refine.pdbx_solvent_ion_probe_radii             ? 
_refine.pdbx_solvent_shrinkage_radii             ? 
_refine.overall_SU_R_Cruickshank_DPI             ? 
_refine.overall_SU_R_free                        ? 
_refine.overall_SU_ML                            ? 
_refine.overall_SU_B                             ? 
_refine.pdbx_overall_ESU_R_Free                  ? 
_refine.pdbx_data_cutoff_high_rms_absF           ? 
_refine.pdbx_overall_ESU_R                       ? 
_refine.ls_wR_factor_R_free                      ? 
_refine.ls_wR_factor_R_work                      ? 
_refine.overall_FOM_free_R_set                   ? 
_refine.overall_FOM_work_R_set                   ? 
_refine.pdbx_refine_id                           'X-RAY DIFFRACTION' 
_refine.pdbx_diffrn_id                           1 
_refine.pdbx_TLS_residual_ADP_flag               ? 
_refine.pdbx_overall_phase_error                 ? 
_refine.pdbx_overall_SU_R_free_Cruickshank_DPI   ? 
_refine.pdbx_overall_SU_R_Blow_DPI               ? 
_refine.pdbx_overall_SU_R_free_Blow_DPI          ? 
# 
_refine_hist.pdbx_refine_id                   'X-RAY DIFFRACTION' 
_refine_hist.cycle_id                         LAST 
_refine_hist.pdbx_number_atoms_protein        658 
_refine_hist.pdbx_number_atoms_nucleic_acid   0 
_refine_hist.pdbx_number_atoms_ligand         1 
_refine_hist.number_atoms_solvent             20 
_refine_hist.number_atoms_total               679 
_refine_hist.d_res_high                       2.55 
_refine_hist.d_res_low                        20 
# 
loop_
_refine_ls_restr.type 
_refine_ls_restr.dev_ideal 
_refine_ls_restr.dev_ideal_target 
_refine_ls_restr.weight 
_refine_ls_restr.number 
_refine_ls_restr.pdbx_refine_id 
_refine_ls_restr.pdbx_restraint_function 
f_angle_deg 1.267 ? ? ? 'X-RAY DIFFRACTION' ? 
f_bond_d    0.011 ? ? ? 'X-RAY DIFFRACTION' ? 
# 
_refine_ls_shell.pdbx_total_number_of_bins_used   ? 
_refine_ls_shell.d_res_high                       2.55 
_refine_ls_shell.d_res_low                        ? 
_refine_ls_shell.number_reflns_R_work             ? 
_refine_ls_shell.R_factor_R_work                  0.231 
_refine_ls_shell.percent_reflns_obs               99.4 
_refine_ls_shell.R_factor_R_free                  0.279 
_refine_ls_shell.R_factor_R_free_error            ? 
_refine_ls_shell.percent_reflns_R_free            ? 
_refine_ls_shell.number_reflns_R_free             184 
_refine_ls_shell.number_reflns_all                ? 
_refine_ls_shell.R_factor_all                     ? 
_refine_ls_shell.number_reflns_obs                3989 
_refine_ls_shell.redundancy_reflns_obs            ? 
_refine_ls_shell.pdbx_refine_id                   'X-RAY DIFFRACTION' 
# 
_struct.entry_id                  2HH7 
_struct.title                     'Crystal Structure of Cu(I) bound CsoR from Mycobacterium tuberculosis.' 
_struct.pdbx_model_details        ? 
_struct.pdbx_CASP_flag            ? 
_struct.pdbx_model_type_details   ? 
# 
_struct_keywords.entry_id        2HH7 
_struct_keywords.pdbx_keywords   'UNKNOWN FUNCTION' 
_struct_keywords.text            '4-helix bundle, UNKNOWN FUNCTION' 
# 
loop_
_struct_asym.id 
_struct_asym.pdbx_blank_PDB_chainid_flag 
_struct_asym.pdbx_modified 
_struct_asym.entity_id 
_struct_asym.details 
A N N 1 ? 
B N N 2 ? 
C N N 3 ? 
# 
_struct_ref.id                         1 
_struct_ref.db_name                    UNP 
_struct_ref.db_code                    P71543_MYCTU 
_struct_ref.pdbx_db_accession          P71543 
_struct_ref.entity_id                  1 
_struct_ref.pdbx_seq_one_letter_code   
;MSKELTAKKRAALNRLKTVRGHLDGIVRMLESDAYCVDVMKQISAVQSSLERANRVMLHNHLETCFSTAVLDGHGQAAIE
ELIDAVKFTPALTGPHARLGGAAVGESATEEPMPDASNM
;
_struct_ref.pdbx_align_begin           1 
_struct_ref.pdbx_db_isoform            ? 
# 
_struct_ref_seq.align_id                      1 
_struct_ref_seq.ref_id                        1 
_struct_ref_seq.pdbx_PDB_id_code              2HH7 
_struct_ref_seq.pdbx_strand_id                A 
_struct_ref_seq.seq_align_beg                 1 
_struct_ref_seq.pdbx_seq_align_beg_ins_code   ? 
_struct_ref_seq.seq_align_end                 119 
_struct_ref_seq.pdbx_seq_align_end_ins_code   ? 
_struct_ref_seq.pdbx_db_accession             P71543 
_struct_ref_seq.db_align_beg                  1 
_struct_ref_seq.pdbx_db_align_beg_ins_code    ? 
_struct_ref_seq.db_align_end                  119 
_struct_ref_seq.pdbx_db_align_end_ins_code    ? 
_struct_ref_seq.pdbx_auth_seq_align_beg       1 
_struct_ref_seq.pdbx_auth_seq_align_end       119 
# 
loop_
_pdbx_struct_assembly.id 
_pdbx_struct_assembly.details 
_pdbx_struct_assembly.method_details 
_pdbx_struct_assembly.oligomeric_details 
_pdbx_struct_assembly.oligomeric_count 
1 author_and_software_defined_assembly PISA     dimeric    2 
2 software_defined_assembly            PISA,PQS tetrameric 4 
# 
loop_
_pdbx_struct_assembly_prop.biol_id 
_pdbx_struct_assembly_prop.type 
_pdbx_struct_assembly_prop.value 
_pdbx_struct_assembly_prop.details 
1 'ABSA (A^2)' 4130  ? 
1 MORE         -60   ? 
1 'SSA (A^2)'  9100  ? 
2 'ABSA (A^2)' 10750 ? 
2 MORE         -146  ? 
2 'SSA (A^2)'  15710 ? 
# 
loop_
_pdbx_struct_assembly_gen.assembly_id 
_pdbx_struct_assembly_gen.oper_expression 
_pdbx_struct_assembly_gen.asym_id_list 
1 1,2     A,B,C 
2 1,3,4,2 A,B,C 
# 
loop_
_pdbx_struct_oper_list.id 
_pdbx_struct_oper_list.type 
_pdbx_struct_oper_list.name 
_pdbx_struct_oper_list.symmetry_operation 
_pdbx_struct_oper_list.matrix[1][1] 
_pdbx_struct_oper_list.matrix[1][2] 
_pdbx_struct_oper_list.matrix[1][3] 
_pdbx_struct_oper_list.vector[1] 
_pdbx_struct_oper_list.matrix[2][1] 
_pdbx_struct_oper_list.matrix[2][2] 
_pdbx_struct_oper_list.matrix[2][3] 
_pdbx_struct_oper_list.vector[2] 
_pdbx_struct_oper_list.matrix[3][1] 
_pdbx_struct_oper_list.matrix[3][2] 
_pdbx_struct_oper_list.matrix[3][3] 
_pdbx_struct_oper_list.vector[3] 
1 'identity operation'         1_555  x,y,z          1.0000000000  0.0000000000  0.0000000000  0.0000000000   0.0000000000  1.0000000000  0.0000000000  0.0000000000   0.0000000000  0.0000000000  1.0000000000  0.0000000000  
2 'crystal symmetry operation' 12_544 x,x-y-1,-z-1/3 0.0730209771  -0.9692370720 0.2350477298  -8.6649284367  -0.9692370720 -0.1245087266 -0.2123136250 -11.4216749800 0.2350477298  -0.2123136250 -0.9485122505 -7.5417058432 
3 'crystal symmetry operation' 4_545  -x,-y-1,z      -0.7961694435 0.0802162919  -0.5997329104 -26.1276004884 0.0802162919  -0.9684313599 -0.2360212866 3.1585021208   -0.5997329104 -0.2360212866 0.7646008033  -8.4574982170 
4 'crystal symmetry operation' 9_554  -x,-x+y,-z-1/3 -0.2768515336 0.8890207801  0.3646851806  -15.6220444570 0.8890207801  0.0929400865  0.4483349116  15.3045450413  0.3646851806  0.4483349116  -0.8160885528 -6.3314913894 
# 
_struct_biol.id                    1 
_struct_biol.details               
'The second part of the biological assembly is generated by the symmetry operation :  x,  x-y-1,  -z-1/3' 
_struct_biol.pdbx_parent_biol_id   ? 
# 
loop_
_struct_conf.conf_type_id 
_struct_conf.id 
_struct_conf.pdbx_PDB_helix_id 
_struct_conf.beg_label_comp_id 
_struct_conf.beg_label_asym_id 
_struct_conf.beg_label_seq_id 
_struct_conf.pdbx_beg_PDB_ins_code 
_struct_conf.end_label_comp_id 
_struct_conf.end_label_asym_id 
_struct_conf.end_label_seq_id 
_struct_conf.pdbx_end_PDB_ins_code 
_struct_conf.beg_auth_comp_id 
_struct_conf.beg_auth_asym_id 
_struct_conf.beg_auth_seq_id 
_struct_conf.end_auth_comp_id 
_struct_conf.end_auth_asym_id 
_struct_conf.end_auth_seq_id 
_struct_conf.pdbx_PDB_helix_class 
_struct_conf.details 
_struct_conf.pdbx_PDB_helix_length 
HELX_P HELX_P1 1 THR A 6  ? SER A 32 ? THR A 6  SER A 32 1 ? 27 
HELX_P HELX_P2 2 TYR A 35 ? THR A 64 ? TYR A 35 THR A 64 1 ? 30 
HELX_P HELX_P3 3 GLY A 73 ? ALA A 85 ? GLY A 73 ALA A 85 1 ? 13 
# 
_struct_conf_type.id          HELX_P 
_struct_conf_type.criteria    ? 
_struct_conf_type.reference   ? 
# 
loop_
_struct_conn.id 
_struct_conn.conn_type_id 
_struct_conn.pdbx_leaving_atom_flag 
_struct_conn.pdbx_PDB_id 
_struct_conn.ptnr1_label_asym_id 
_struct_conn.ptnr1_label_comp_id 
_struct_conn.ptnr1_label_seq_id 
_struct_conn.ptnr1_label_atom_id 
_struct_conn.pdbx_ptnr1_label_alt_id 
_struct_conn.pdbx_ptnr1_PDB_ins_code 
_struct_conn.pdbx_ptnr1_standard_comp_id 
_struct_conn.ptnr1_symmetry 
_struct_conn.ptnr2_label_asym_id 
_struct_conn.ptnr2_label_comp_id 
_struct_conn.ptnr2_label_seq_id 
_struct_conn.ptnr2_label_atom_id 
_struct_conn.pdbx_ptnr2_label_alt_id 
_struct_conn.pdbx_ptnr2_PDB_ins_code 
_struct_conn.ptnr1_auth_asym_id 
_struct_conn.ptnr1_auth_comp_id 
_struct_conn.ptnr1_auth_seq_id 
_struct_conn.ptnr2_auth_asym_id 
_struct_conn.ptnr2_auth_comp_id 
_struct_conn.ptnr2_auth_seq_id 
_struct_conn.ptnr2_symmetry 
_struct_conn.pdbx_ptnr3_label_atom_id 
_struct_conn.pdbx_ptnr3_label_seq_id 
_struct_conn.pdbx_ptnr3_label_comp_id 
_struct_conn.pdbx_ptnr3_label_asym_id 
_struct_conn.pdbx_ptnr3_label_alt_id 
_struct_conn.pdbx_ptnr3_PDB_ins_code 
_struct_conn.details 
_struct_conn.pdbx_dist_value 
_struct_conn.pdbx_value_order 
_struct_conn.pdbx_role 
metalc1 metalc ? ? A CYS 36 SG  ? ? ? 1_555  B CU1 . CU ? ? A CYS 36 A CU1 120 1_555 ? ? ? ? ? ? ? 2.667 ? ? 
metalc2 metalc ? ? A HIS 61 ND1 ? ? ? 12_544 B CU1 . CU ? ? A HIS 61 A CU1 120 1_555 ? ? ? ? ? ? ? 2.440 ? ? 
metalc3 metalc ? ? A CYS 65 SG  ? ? ? 12_544 B CU1 . CU ? ? A CYS 65 A CU1 120 1_555 ? ? ? ? ? ? ? 2.689 ? ? 
# 
_struct_conn_type.id          metalc 
_struct_conn_type.criteria    ? 
_struct_conn_type.reference   ? 
# 
loop_
_pdbx_struct_conn_angle.id 
_pdbx_struct_conn_angle.ptnr1_label_atom_id 
_pdbx_struct_conn_angle.ptnr1_label_alt_id 
_pdbx_struct_conn_angle.ptnr1_label_asym_id 
_pdbx_struct_conn_angle.ptnr1_label_comp_id 
_pdbx_struct_conn_angle.ptnr1_label_seq_id 
_pdbx_struct_conn_angle.ptnr1_auth_atom_id 
_pdbx_struct_conn_angle.ptnr1_auth_asym_id 
_pdbx_struct_conn_angle.ptnr1_auth_comp_id 
_pdbx_struct_conn_angle.ptnr1_auth_seq_id 
_pdbx_struct_conn_angle.ptnr1_PDB_ins_code 
_pdbx_struct_conn_angle.ptnr1_symmetry 
_pdbx_struct_conn_angle.ptnr2_label_atom_id 
_pdbx_struct_conn_angle.ptnr2_label_alt_id 
_pdbx_struct_conn_angle.ptnr2_label_asym_id 
_pdbx_struct_conn_angle.ptnr2_label_comp_id 
_pdbx_struct_conn_angle.ptnr2_label_seq_id 
_pdbx_struct_conn_angle.ptnr2_auth_atom_id 
_pdbx_struct_conn_angle.ptnr2_auth_asym_id 
_pdbx_struct_conn_angle.ptnr2_auth_comp_id 
_pdbx_struct_conn_angle.ptnr2_auth_seq_id 
_pdbx_struct_conn_angle.ptnr2_PDB_ins_code 
_pdbx_struct_conn_angle.ptnr2_symmetry 
_pdbx_struct_conn_angle.ptnr3_label_atom_id 
_pdbx_struct_conn_angle.ptnr3_label_alt_id 
_pdbx_struct_conn_angle.ptnr3_label_asym_id 
_pdbx_struct_conn_angle.ptnr3_label_comp_id 
_pdbx_struct_conn_angle.ptnr3_label_seq_id 
_pdbx_struct_conn_angle.ptnr3_auth_atom_id 
_pdbx_struct_conn_angle.ptnr3_auth_asym_id 
_pdbx_struct_conn_angle.ptnr3_auth_comp_id 
_pdbx_struct_conn_angle.ptnr3_auth_seq_id 
_pdbx_struct_conn_angle.ptnr3_PDB_ins_code 
_pdbx_struct_conn_angle.ptnr3_symmetry 
_pdbx_struct_conn_angle.value 
_pdbx_struct_conn_angle.value_esd 
1 SG  ? A CYS 36 ? A CYS 36 ? 1_555  CU ? B CU1 . ? A CU1 120 ? 1_555 ND1 ? A HIS 61 ? A HIS 61 ? 12_544 116.4 ? 
2 SG  ? A CYS 36 ? A CYS 36 ? 1_555  CU ? B CU1 . ? A CU1 120 ? 1_555 SG  ? A CYS 65 ? A CYS 65 ? 12_544 123.7 ? 
3 ND1 ? A HIS 61 ? A HIS 61 ? 12_544 CU ? B CU1 . ? A CU1 120 ? 1_555 SG  ? A CYS 65 ? A CYS 65 ? 12_544 119.8 ? 
# 
_struct_site.id                   AC1 
_struct_site.pdbx_evidence_code   Software 
_struct_site.pdbx_auth_asym_id    A 
_struct_site.pdbx_auth_comp_id    CU1 
_struct_site.pdbx_auth_seq_id     120 
_struct_site.pdbx_auth_ins_code   ? 
_struct_site.pdbx_num_residues    4 
_struct_site.details              'BINDING SITE FOR RESIDUE CU1 A 120' 
# 
loop_
_struct_site_gen.id 
_struct_site_gen.site_id 
_struct_site_gen.pdbx_num_res 
_struct_site_gen.label_comp_id 
_struct_site_gen.label_asym_id 
_struct_site_gen.label_seq_id 
_struct_site_gen.pdbx_auth_ins_code 
_struct_site_gen.auth_comp_id 
_struct_site_gen.auth_asym_id 
_struct_site_gen.auth_seq_id 
_struct_site_gen.label_atom_id 
_struct_site_gen.label_alt_id 
_struct_site_gen.symmetry 
_struct_site_gen.details 
1 AC1 4 CYS A 36 ? CYS A 36 . ? 1_555  ? 
2 AC1 4 HIS A 61 ? HIS A 61 . ? 12_544 ? 
3 AC1 4 THR A 64 ? THR A 64 . ? 12_544 ? 
4 AC1 4 CYS A 65 ? CYS A 65 . ? 12_544 ? 
# 
loop_
_pdbx_validate_torsion.id 
_pdbx_validate_torsion.PDB_model_num 
_pdbx_validate_torsion.auth_comp_id 
_pdbx_validate_torsion.auth_asym_id 
_pdbx_validate_torsion.auth_seq_id 
_pdbx_validate_torsion.PDB_ins_code 
_pdbx_validate_torsion.label_alt_id 
_pdbx_validate_torsion.phi 
_pdbx_validate_torsion.psi 
1 1 ALA A 7  ? ? -19.17 -80.33  
2 1 THR A 64 ? ? -99.12 -112.66 
3 1 THR A 68 ? ? -59.61 14.37   
4 1 ALA A 69 ? ? -93.82 55.48   
5 1 ASP A 72 ? ? 70.02  -146.50 
6 1 HIS A 74 ? ? -9.74  -110.11 
# 
_pdbx_validate_peptide_omega.id               1 
_pdbx_validate_peptide_omega.PDB_model_num    1 
_pdbx_validate_peptide_omega.auth_comp_id_1   THR 
_pdbx_validate_peptide_omega.auth_asym_id_1   A 
_pdbx_validate_peptide_omega.auth_seq_id_1    68 
_pdbx_validate_peptide_omega.PDB_ins_code_1   ? 
_pdbx_validate_peptide_omega.label_alt_id_1   ? 
_pdbx_validate_peptide_omega.auth_comp_id_2   ALA 
_pdbx_validate_peptide_omega.auth_asym_id_2   A 
_pdbx_validate_peptide_omega.auth_seq_id_2    69 
_pdbx_validate_peptide_omega.PDB_ins_code_2   ? 
_pdbx_validate_peptide_omega.label_alt_id_2   ? 
_pdbx_validate_peptide_omega.omega            148.32 
# 
loop_
_pdbx_unobs_or_zero_occ_residues.id 
_pdbx_unobs_or_zero_occ_residues.PDB_model_num 
_pdbx_unobs_or_zero_occ_residues.polymer_flag 
_pdbx_unobs_or_zero_occ_residues.occupancy_flag 
_pdbx_unobs_or_zero_occ_residues.auth_asym_id 
_pdbx_unobs_or_zero_occ_residues.auth_comp_id 
_pdbx_unobs_or_zero_occ_residues.auth_seq_id 
_pdbx_unobs_or_zero_occ_residues.PDB_ins_code 
_pdbx_unobs_or_zero_occ_residues.label_asym_id 
_pdbx_unobs_or_zero_occ_residues.label_comp_id 
_pdbx_unobs_or_zero_occ_residues.label_seq_id 
1  1 Y 1 A MET 1   ? A MET 1   
2  1 Y 1 A SER 2   ? A SER 2   
3  1 Y 1 A LYS 3   ? A LYS 3   
4  1 Y 1 A THR 89  ? A THR 89  
5  1 Y 1 A PRO 90  ? A PRO 90  
6  1 Y 1 A ALA 91  ? A ALA 91  
7  1 Y 1 A LEU 92  ? A LEU 92  
8  1 Y 1 A THR 93  ? A THR 93  
9  1 Y 1 A GLY 94  ? A GLY 94  
10 1 Y 1 A PRO 95  ? A PRO 95  
11 1 Y 1 A HIS 96  ? A HIS 96  
12 1 Y 1 A ALA 97  ? A ALA 97  
13 1 Y 1 A ARG 98  ? A ARG 98  
14 1 Y 1 A LEU 99  ? A LEU 99  
15 1 Y 1 A GLY 100 ? A GLY 100 
16 1 Y 1 A GLY 101 ? A GLY 101 
17 1 Y 1 A ALA 102 ? A ALA 102 
18 1 Y 1 A ALA 103 ? A ALA 103 
19 1 Y 1 A VAL 104 ? A VAL 104 
20 1 Y 1 A GLY 105 ? A GLY 105 
21 1 Y 1 A GLU 106 ? A GLU 106 
22 1 Y 1 A SER 107 ? A SER 107 
23 1 Y 1 A ALA 108 ? A ALA 108 
24 1 Y 1 A THR 109 ? A THR 109 
25 1 Y 1 A GLU 110 ? A GLU 110 
26 1 Y 1 A GLU 111 ? A GLU 111 
27 1 Y 1 A PRO 112 ? A PRO 112 
28 1 Y 1 A MET 113 ? A MET 113 
29 1 Y 1 A PRO 114 ? A PRO 114 
30 1 Y 1 A ASP 115 ? A ASP 115 
31 1 Y 1 A ALA 116 ? A ALA 116 
32 1 Y 1 A SER 117 ? A SER 117 
33 1 Y 1 A ASN 118 ? A ASN 118 
34 1 Y 1 A MET 119 ? A MET 119 
# 
loop_
_chem_comp_atom.comp_id 
_chem_comp_atom.atom_id 
_chem_comp_atom.type_symbol 
_chem_comp_atom.pdbx_aromatic_flag 
_chem_comp_atom.pdbx_stereo_config 
_chem_comp_atom.pdbx_ordinal 
ALA N    N  N N 1   
ALA CA   C  N S 2   
ALA C    C  N N 3   
ALA O    O  N N 4   
ALA CB   C  N N 5   
ALA OXT  O  N N 6   
ALA H    H  N N 7   
ALA H2   H  N N 8   
ALA HA   H  N N 9   
ALA HB1  H  N N 10  
ALA HB2  H  N N 11  
ALA HB3  H  N N 12  
ALA HXT  H  N N 13  
ARG N    N  N N 14  
ARG CA   C  N S 15  
ARG C    C  N N 16  
ARG O    O  N N 17  
ARG CB   C  N N 18  
ARG CG   C  N N 19  
ARG CD   C  N N 20  
ARG NE   N  N N 21  
ARG CZ   C  N N 22  
ARG NH1  N  N N 23  
ARG NH2  N  N N 24  
ARG OXT  O  N N 25  
ARG H    H  N N 26  
ARG H2   H  N N 27  
ARG HA   H  N N 28  
ARG HB2  H  N N 29  
ARG HB3  H  N N 30  
ARG HG2  H  N N 31  
ARG HG3  H  N N 32  
ARG HD2  H  N N 33  
ARG HD3  H  N N 34  
ARG HE   H  N N 35  
ARG HH11 H  N N 36  
ARG HH12 H  N N 37  
ARG HH21 H  N N 38  
ARG HH22 H  N N 39  
ARG HXT  H  N N 40  
ASN N    N  N N 41  
ASN CA   C  N S 42  
ASN C    C  N N 43  
ASN O    O  N N 44  
ASN CB   C  N N 45  
ASN CG   C  N N 46  
ASN OD1  O  N N 47  
ASN ND2  N  N N 48  
ASN OXT  O  N N 49  
ASN H    H  N N 50  
ASN H2   H  N N 51  
ASN HA   H  N N 52  
ASN HB2  H  N N 53  
ASN HB3  H  N N 54  
ASN HD21 H  N N 55  
ASN HD22 H  N N 56  
ASN HXT  H  N N 57  
ASP N    N  N N 58  
ASP CA   C  N S 59  
ASP C    C  N N 60  
ASP O    O  N N 61  
ASP CB   C  N N 62  
ASP CG   C  N N 63  
ASP OD1  O  N N 64  
ASP OD2  O  N N 65  
ASP OXT  O  N N 66  
ASP H    H  N N 67  
ASP H2   H  N N 68  
ASP HA   H  N N 69  
ASP HB2  H  N N 70  
ASP HB3  H  N N 71  
ASP HD2  H  N N 72  
ASP HXT  H  N N 73  
CU1 CU   CU N N 74  
CYS N    N  N N 75  
CYS CA   C  N R 76  
CYS C    C  N N 77  
CYS O    O  N N 78  
CYS CB   C  N N 79  
CYS SG   S  N N 80  
CYS OXT  O  N N 81  
CYS H    H  N N 82  
CYS H2   H  N N 83  
CYS HA   H  N N 84  
CYS HB2  H  N N 85  
CYS HB3  H  N N 86  
CYS HG   H  N N 87  
CYS HXT  H  N N 88  
GLN N    N  N N 89  
GLN CA   C  N S 90  
GLN C    C  N N 91  
GLN O    O  N N 92  
GLN CB   C  N N 93  
GLN CG   C  N N 94  
GLN CD   C  N N 95  
GLN OE1  O  N N 96  
GLN NE2  N  N N 97  
GLN OXT  O  N N 98  
GLN H    H  N N 99  
GLN H2   H  N N 100 
GLN HA   H  N N 101 
GLN HB2  H  N N 102 
GLN HB3  H  N N 103 
GLN HG2  H  N N 104 
GLN HG3  H  N N 105 
GLN HE21 H  N N 106 
GLN HE22 H  N N 107 
GLN HXT  H  N N 108 
GLU N    N  N N 109 
GLU CA   C  N S 110 
GLU C    C  N N 111 
GLU O    O  N N 112 
GLU CB   C  N N 113 
GLU CG   C  N N 114 
GLU CD   C  N N 115 
GLU OE1  O  N N 116 
GLU OE2  O  N N 117 
GLU OXT  O  N N 118 
GLU H    H  N N 119 
GLU H2   H  N N 120 
GLU HA   H  N N 121 
GLU HB2  H  N N 122 
GLU HB3  H  N N 123 
GLU HG2  H  N N 124 
GLU HG3  H  N N 125 
GLU HE2  H  N N 126 
GLU HXT  H  N N 127 
GLY N    N  N N 128 
GLY CA   C  N N 129 
GLY C    C  N N 130 
GLY O    O  N N 131 
GLY OXT  O  N N 132 
GLY H    H  N N 133 
GLY H2   H  N N 134 
GLY HA2  H  N N 135 
GLY HA3  H  N N 136 
GLY HXT  H  N N 137 
HIS N    N  N N 138 
HIS CA   C  N S 139 
HIS C    C  N N 140 
HIS O    O  N N 141 
HIS CB   C  N N 142 
HIS CG   C  Y N 143 
HIS ND1  N  Y N 144 
HIS CD2  C  Y N 145 
HIS CE1  C  Y N 146 
HIS NE2  N  Y N 147 
HIS OXT  O  N N 148 
HIS H    H  N N 149 
HIS H2   H  N N 150 
HIS HA   H  N N 151 
HIS HB2  H  N N 152 
HIS HB3  H  N N 153 
HIS HD1  H  N N 154 
HIS HD2  H  N N 155 
HIS HE1  H  N N 156 
HIS HE2  H  N N 157 
HIS HXT  H  N N 158 
HOH O    O  N N 159 
HOH H1   H  N N 160 
HOH H2   H  N N 161 
ILE N    N  N N 162 
ILE CA   C  N S 163 
ILE C    C  N N 164 
ILE O    O  N N 165 
ILE CB   C  N S 166 
ILE CG1  C  N N 167 
ILE CG2  C  N N 168 
ILE CD1  C  N N 169 
ILE OXT  O  N N 170 
ILE H    H  N N 171 
ILE H2   H  N N 172 
ILE HA   H  N N 173 
ILE HB   H  N N 174 
ILE HG12 H  N N 175 
ILE HG13 H  N N 176 
ILE HG21 H  N N 177 
ILE HG22 H  N N 178 
ILE HG23 H  N N 179 
ILE HD11 H  N N 180 
ILE HD12 H  N N 181 
ILE HD13 H  N N 182 
ILE HXT  H  N N 183 
LEU N    N  N N 184 
LEU CA   C  N S 185 
LEU C    C  N N 186 
LEU O    O  N N 187 
LEU CB   C  N N 188 
LEU CG   C  N N 189 
LEU CD1  C  N N 190 
LEU CD2  C  N N 191 
LEU OXT  O  N N 192 
LEU H    H  N N 193 
LEU H2   H  N N 194 
LEU HA   H  N N 195 
LEU HB2  H  N N 196 
LEU HB3  H  N N 197 
LEU HG   H  N N 198 
LEU HD11 H  N N 199 
LEU HD12 H  N N 200 
LEU HD13 H  N N 201 
LEU HD21 H  N N 202 
LEU HD22 H  N N 203 
LEU HD23 H  N N 204 
LEU HXT  H  N N 205 
LYS N    N  N N 206 
LYS CA   C  N S 207 
LYS C    C  N N 208 
LYS O    O  N N 209 
LYS CB   C  N N 210 
LYS CG   C  N N 211 
LYS CD   C  N N 212 
LYS CE   C  N N 213 
LYS NZ   N  N N 214 
LYS OXT  O  N N 215 
LYS H    H  N N 216 
LYS H2   H  N N 217 
LYS HA   H  N N 218 
LYS HB2  H  N N 219 
LYS HB3  H  N N 220 
LYS HG2  H  N N 221 
LYS HG3  H  N N 222 
LYS HD2  H  N N 223 
LYS HD3  H  N N 224 
LYS HE2  H  N N 225 
LYS HE3  H  N N 226 
LYS HZ1  H  N N 227 
LYS HZ2  H  N N 228 
LYS HZ3  H  N N 229 
LYS HXT  H  N N 230 
MET N    N  N N 231 
MET CA   C  N S 232 
MET C    C  N N 233 
MET O    O  N N 234 
MET CB   C  N N 235 
MET CG   C  N N 236 
MET SD   S  N N 237 
MET CE   C  N N 238 
MET OXT  O  N N 239 
MET H    H  N N 240 
MET H2   H  N N 241 
MET HA   H  N N 242 
MET HB2  H  N N 243 
MET HB3  H  N N 244 
MET HG2  H  N N 245 
MET HG3  H  N N 246 
MET HE1  H  N N 247 
MET HE2  H  N N 248 
MET HE3  H  N N 249 
MET HXT  H  N N 250 
PHE N    N  N N 251 
PHE CA   C  N S 252 
PHE C    C  N N 253 
PHE O    O  N N 254 
PHE CB   C  N N 255 
PHE CG   C  Y N 256 
PHE CD1  C  Y N 257 
PHE CD2  C  Y N 258 
PHE CE1  C  Y N 259 
PHE CE2  C  Y N 260 
PHE CZ   C  Y N 261 
PHE OXT  O  N N 262 
PHE H    H  N N 263 
PHE H2   H  N N 264 
PHE HA   H  N N 265 
PHE HB2  H  N N 266 
PHE HB3  H  N N 267 
PHE HD1  H  N N 268 
PHE HD2  H  N N 269 
PHE HE1  H  N N 270 
PHE HE2  H  N N 271 
PHE HZ   H  N N 272 
PHE HXT  H  N N 273 
PRO N    N  N N 274 
PRO CA   C  N S 275 
PRO C    C  N N 276 
PRO O    O  N N 277 
PRO CB   C  N N 278 
PRO CG   C  N N 279 
PRO CD   C  N N 280 
PRO OXT  O  N N 281 
PRO H    H  N N 282 
PRO HA   H  N N 283 
PRO HB2  H  N N 284 
PRO HB3  H  N N 285 
PRO HG2  H  N N 286 
PRO HG3  H  N N 287 
PRO HD2  H  N N 288 
PRO HD3  H  N N 289 
PRO HXT  H  N N 290 
SER N    N  N N 291 
SER CA   C  N S 292 
SER C    C  N N 293 
SER O    O  N N 294 
SER CB   C  N N 295 
SER OG   O  N N 296 
SER OXT  O  N N 297 
SER H    H  N N 298 
SER H2   H  N N 299 
SER HA   H  N N 300 
SER HB2  H  N N 301 
SER HB3  H  N N 302 
SER HG   H  N N 303 
SER HXT  H  N N 304 
THR N    N  N N 305 
THR CA   C  N S 306 
THR C    C  N N 307 
THR O    O  N N 308 
THR CB   C  N R 309 
THR OG1  O  N N 310 
THR CG2  C  N N 311 
THR OXT  O  N N 312 
THR H    H  N N 313 
THR H2   H  N N 314 
THR HA   H  N N 315 
THR HB   H  N N 316 
THR HG1  H  N N 317 
THR HG21 H  N N 318 
THR HG22 H  N N 319 
THR HG23 H  N N 320 
THR HXT  H  N N 321 
TYR N    N  N N 322 
TYR CA   C  N S 323 
TYR C    C  N N 324 
TYR O    O  N N 325 
TYR CB   C  N N 326 
TYR CG   C  Y N 327 
TYR CD1  C  Y N 328 
TYR CD2  C  Y N 329 
TYR CE1  C  Y N 330 
TYR CE2  C  Y N 331 
TYR CZ   C  Y N 332 
TYR OH   O  N N 333 
TYR OXT  O  N N 334 
TYR H    H  N N 335 
TYR H2   H  N N 336 
TYR HA   H  N N 337 
TYR HB2  H  N N 338 
TYR HB3  H  N N 339 
TYR HD1  H  N N 340 
TYR HD2  H  N N 341 
TYR HE1  H  N N 342 
TYR HE2  H  N N 343 
TYR HH   H  N N 344 
TYR HXT  H  N N 345 
VAL N    N  N N 346 
VAL CA   C  N S 347 
VAL C    C  N N 348 
VAL O    O  N N 349 
VAL CB   C  N N 350 
VAL CG1  C  N N 351 
VAL CG2  C  N N 352 
VAL OXT  O  N N 353 
VAL H    H  N N 354 
VAL H2   H  N N 355 
VAL HA   H  N N 356 
VAL HB   H  N N 357 
VAL HG11 H  N N 358 
VAL HG12 H  N N 359 
VAL HG13 H  N N 360 
VAL HG21 H  N N 361 
VAL HG22 H  N N 362 
VAL HG23 H  N N 363 
VAL HXT  H  N N 364 
# 
loop_
_chem_comp_bond.comp_id 
_chem_comp_bond.atom_id_1 
_chem_comp_bond.atom_id_2 
_chem_comp_bond.value_order 
_chem_comp_bond.pdbx_aromatic_flag 
_chem_comp_bond.pdbx_stereo_config 
_chem_comp_bond.pdbx_ordinal 
ALA N   CA   sing N N 1   
ALA N   H    sing N N 2   
ALA N   H2   sing N N 3   
ALA CA  C    sing N N 4   
ALA CA  CB   sing N N 5   
ALA CA  HA   sing N N 6   
ALA C   O    doub N N 7   
ALA C   OXT  sing N N 8   
ALA CB  HB1  sing N N 9   
ALA CB  HB2  sing N N 10  
ALA CB  HB3  sing N N 11  
ALA OXT HXT  sing N N 12  
ARG N   CA   sing N N 13  
ARG N   H    sing N N 14  
ARG N   H2   sing N N 15  
ARG CA  C    sing N N 16  
ARG CA  CB   sing N N 17  
ARG CA  HA   sing N N 18  
ARG C   O    doub N N 19  
ARG C   OXT  sing N N 20  
ARG CB  CG   sing N N 21  
ARG CB  HB2  sing N N 22  
ARG CB  HB3  sing N N 23  
ARG CG  CD   sing N N 24  
ARG CG  HG2  sing N N 25  
ARG CG  HG3  sing N N 26  
ARG CD  NE   sing N N 27  
ARG CD  HD2  sing N N 28  
ARG CD  HD3  sing N N 29  
ARG NE  CZ   sing N N 30  
ARG NE  HE   sing N N 31  
ARG CZ  NH1  sing N N 32  
ARG CZ  NH2  doub N N 33  
ARG NH1 HH11 sing N N 34  
ARG NH1 HH12 sing N N 35  
ARG NH2 HH21 sing N N 36  
ARG NH2 HH22 sing N N 37  
ARG OXT HXT  sing N N 38  
ASN N   CA   sing N N 39  
ASN N   H    sing N N 40  
ASN N   H2   sing N N 41  
ASN CA  C    sing N N 42  
ASN CA  CB   sing N N 43  
ASN CA  HA   sing N N 44  
ASN C   O    doub N N 45  
ASN C   OXT  sing N N 46  
ASN CB  CG   sing N N 47  
ASN CB  HB2  sing N N 48  
ASN CB  HB3  sing N N 49  
ASN CG  OD1  doub N N 50  
ASN CG  ND2  sing N N 51  
ASN ND2 HD21 sing N N 52  
ASN ND2 HD22 sing N N 53  
ASN OXT HXT  sing N N 54  
ASP N   CA   sing N N 55  
ASP N   H    sing N N 56  
ASP N   H2   sing N N 57  
ASP CA  C    sing N N 58  
ASP CA  CB   sing N N 59  
ASP CA  HA   sing N N 60  
ASP C   O    doub N N 61  
ASP C   OXT  sing N N 62  
ASP CB  CG   sing N N 63  
ASP CB  HB2  sing N N 64  
ASP CB  HB3  sing N N 65  
ASP CG  OD1  doub N N 66  
ASP CG  OD2  sing N N 67  
ASP OD2 HD2  sing N N 68  
ASP OXT HXT  sing N N 69  
CYS N   CA   sing N N 70  
CYS N   H    sing N N 71  
CYS N   H2   sing N N 72  
CYS CA  C    sing N N 73  
CYS CA  CB   sing N N 74  
CYS CA  HA   sing N N 75  
CYS C   O    doub N N 76  
CYS C   OXT  sing N N 77  
CYS CB  SG   sing N N 78  
CYS CB  HB2  sing N N 79  
CYS CB  HB3  sing N N 80  
CYS SG  HG   sing N N 81  
CYS OXT HXT  sing N N 82  
GLN N   CA   sing N N 83  
GLN N   H    sing N N 84  
GLN N   H2   sing N N 85  
GLN CA  C    sing N N 86  
GLN CA  CB   sing N N 87  
GLN CA  HA   sing N N 88  
GLN C   O    doub N N 89  
GLN C   OXT  sing N N 90  
GLN CB  CG   sing N N 91  
GLN CB  HB2  sing N N 92  
GLN CB  HB3  sing N N 93  
GLN CG  CD   sing N N 94  
GLN CG  HG2  sing N N 95  
GLN CG  HG3  sing N N 96  
GLN CD  OE1  doub N N 97  
GLN CD  NE2  sing N N 98  
GLN NE2 HE21 sing N N 99  
GLN NE2 HE22 sing N N 100 
GLN OXT HXT  sing N N 101 
GLU N   CA   sing N N 102 
GLU N   H    sing N N 103 
GLU N   H2   sing N N 104 
GLU CA  C    sing N N 105 
GLU CA  CB   sing N N 106 
GLU CA  HA   sing N N 107 
GLU C   O    doub N N 108 
GLU C   OXT  sing N N 109 
GLU CB  CG   sing N N 110 
GLU CB  HB2  sing N N 111 
GLU CB  HB3  sing N N 112 
GLU CG  CD   sing N N 113 
GLU CG  HG2  sing N N 114 
GLU CG  HG3  sing N N 115 
GLU CD  OE1  doub N N 116 
GLU CD  OE2  sing N N 117 
GLU OE2 HE2  sing N N 118 
GLU OXT HXT  sing N N 119 
GLY N   CA   sing N N 120 
GLY N   H    sing N N 121 
GLY N   H2   sing N N 122 
GLY CA  C    sing N N 123 
GLY CA  HA2  sing N N 124 
GLY CA  HA3  sing N N 125 
GLY C   O    doub N N 126 
GLY C   OXT  sing N N 127 
GLY OXT HXT  sing N N 128 
HIS N   CA   sing N N 129 
HIS N   H    sing N N 130 
HIS N   H2   sing N N 131 
HIS CA  C    sing N N 132 
HIS CA  CB   sing N N 133 
HIS CA  HA   sing N N 134 
HIS C   O    doub N N 135 
HIS C   OXT  sing N N 136 
HIS CB  CG   sing N N 137 
HIS CB  HB2  sing N N 138 
HIS CB  HB3  sing N N 139 
HIS CG  ND1  sing Y N 140 
HIS CG  CD2  doub Y N 141 
HIS ND1 CE1  doub Y N 142 
HIS ND1 HD1  sing N N 143 
HIS CD2 NE2  sing Y N 144 
HIS CD2 HD2  sing N N 145 
HIS CE1 NE2  sing Y N 146 
HIS CE1 HE1  sing N N 147 
HIS NE2 HE2  sing N N 148 
HIS OXT HXT  sing N N 149 
HOH O   H1   sing N N 150 
HOH O   H2   sing N N 151 
ILE N   CA   sing N N 152 
ILE N   H    sing N N 153 
ILE N   H2   sing N N 154 
ILE CA  C    sing N N 155 
ILE CA  CB   sing N N 156 
ILE CA  HA   sing N N 157 
ILE C   O    doub N N 158 
ILE C   OXT  sing N N 159 
ILE CB  CG1  sing N N 160 
ILE CB  CG2  sing N N 161 
ILE CB  HB   sing N N 162 
ILE CG1 CD1  sing N N 163 
ILE CG1 HG12 sing N N 164 
ILE CG1 HG13 sing N N 165 
ILE CG2 HG21 sing N N 166 
ILE CG2 HG22 sing N N 167 
ILE CG2 HG23 sing N N 168 
ILE CD1 HD11 sing N N 169 
ILE CD1 HD12 sing N N 170 
ILE CD1 HD13 sing N N 171 
ILE OXT HXT  sing N N 172 
LEU N   CA   sing N N 173 
LEU N   H    sing N N 174 
LEU N   H2   sing N N 175 
LEU CA  C    sing N N 176 
LEU CA  CB   sing N N 177 
LEU CA  HA   sing N N 178 
LEU C   O    doub N N 179 
LEU C   OXT  sing N N 180 
LEU CB  CG   sing N N 181 
LEU CB  HB2  sing N N 182 
LEU CB  HB3  sing N N 183 
LEU CG  CD1  sing N N 184 
LEU CG  CD2  sing N N 185 
LEU CG  HG   sing N N 186 
LEU CD1 HD11 sing N N 187 
LEU CD1 HD12 sing N N 188 
LEU CD1 HD13 sing N N 189 
LEU CD2 HD21 sing N N 190 
LEU CD2 HD22 sing N N 191 
LEU CD2 HD23 sing N N 192 
LEU OXT HXT  sing N N 193 
LYS N   CA   sing N N 194 
LYS N   H    sing N N 195 
LYS N   H2   sing N N 196 
LYS CA  C    sing N N 197 
LYS CA  CB   sing N N 198 
LYS CA  HA   sing N N 199 
LYS C   O    doub N N 200 
LYS C   OXT  sing N N 201 
LYS CB  CG   sing N N 202 
LYS CB  HB2  sing N N 203 
LYS CB  HB3  sing N N 204 
LYS CG  CD   sing N N 205 
LYS CG  HG2  sing N N 206 
LYS CG  HG3  sing N N 207 
LYS CD  CE   sing N N 208 
LYS CD  HD2  sing N N 209 
LYS CD  HD3  sing N N 210 
LYS CE  NZ   sing N N 211 
LYS CE  HE2  sing N N 212 
LYS CE  HE3  sing N N 213 
LYS NZ  HZ1  sing N N 214 
LYS NZ  HZ2  sing N N 215 
LYS NZ  HZ3  sing N N 216 
LYS OXT HXT  sing N N 217 
MET N   CA   sing N N 218 
MET N   H    sing N N 219 
MET N   H2   sing N N 220 
MET CA  C    sing N N 221 
MET CA  CB   sing N N 222 
MET CA  HA   sing N N 223 
MET C   O    doub N N 224 
MET C   OXT  sing N N 225 
MET CB  CG   sing N N 226 
MET CB  HB2  sing N N 227 
MET CB  HB3  sing N N 228 
MET CG  SD   sing N N 229 
MET CG  HG2  sing N N 230 
MET CG  HG3  sing N N 231 
MET SD  CE   sing N N 232 
MET CE  HE1  sing N N 233 
MET CE  HE2  sing N N 234 
MET CE  HE3  sing N N 235 
MET OXT HXT  sing N N 236 
PHE N   CA   sing N N 237 
PHE N   H    sing N N 238 
PHE N   H2   sing N N 239 
PHE CA  C    sing N N 240 
PHE CA  CB   sing N N 241 
PHE CA  HA   sing N N 242 
PHE C   O    doub N N 243 
PHE C   OXT  sing N N 244 
PHE CB  CG   sing N N 245 
PHE CB  HB2  sing N N 246 
PHE CB  HB3  sing N N 247 
PHE CG  CD1  doub Y N 248 
PHE CG  CD2  sing Y N 249 
PHE CD1 CE1  sing Y N 250 
PHE CD1 HD1  sing N N 251 
PHE CD2 CE2  doub Y N 252 
PHE CD2 HD2  sing N N 253 
PHE CE1 CZ   doub Y N 254 
PHE CE1 HE1  sing N N 255 
PHE CE2 CZ   sing Y N 256 
PHE CE2 HE2  sing N N 257 
PHE CZ  HZ   sing N N 258 
PHE OXT HXT  sing N N 259 
PRO N   CA   sing N N 260 
PRO N   CD   sing N N 261 
PRO N   H    sing N N 262 
PRO CA  C    sing N N 263 
PRO CA  CB   sing N N 264 
PRO CA  HA   sing N N 265 
PRO C   O    doub N N 266 
PRO C   OXT  sing N N 267 
PRO CB  CG   sing N N 268 
PRO CB  HB2  sing N N 269 
PRO CB  HB3  sing N N 270 
PRO CG  CD   sing N N 271 
PRO CG  HG2  sing N N 272 
PRO CG  HG3  sing N N 273 
PRO CD  HD2  sing N N 274 
PRO CD  HD3  sing N N 275 
PRO OXT HXT  sing N N 276 
SER N   CA   sing N N 277 
SER N   H    sing N N 278 
SER N   H2   sing N N 279 
SER CA  C    sing N N 280 
SER CA  CB   sing N N 281 
SER CA  HA   sing N N 282 
SER C   O    doub N N 283 
SER C   OXT  sing N N 284 
SER CB  OG   sing N N 285 
SER CB  HB2  sing N N 286 
SER CB  HB3  sing N N 287 
SER OG  HG   sing N N 288 
SER OXT HXT  sing N N 289 
THR N   CA   sing N N 290 
THR N   H    sing N N 291 
THR N   H2   sing N N 292 
THR CA  C    sing N N 293 
THR CA  CB   sing N N 294 
THR CA  HA   sing N N 295 
THR C   O    doub N N 296 
THR C   OXT  sing N N 297 
THR CB  OG1  sing N N 298 
THR CB  CG2  sing N N 299 
THR CB  HB   sing N N 300 
THR OG1 HG1  sing N N 301 
THR CG2 HG21 sing N N 302 
THR CG2 HG22 sing N N 303 
THR CG2 HG23 sing N N 304 
THR OXT HXT  sing N N 305 
TYR N   CA   sing N N 306 
TYR N   H    sing N N 307 
TYR N   H2   sing N N 308 
TYR CA  C    sing N N 309 
TYR CA  CB   sing N N 310 
TYR CA  HA   sing N N 311 
TYR C   O    doub N N 312 
TYR C   OXT  sing N N 313 
TYR CB  CG   sing N N 314 
TYR CB  HB2  sing N N 315 
TYR CB  HB3  sing N N 316 
TYR CG  CD1  doub Y N 317 
TYR CG  CD2  sing Y N 318 
TYR CD1 CE1  sing Y N 319 
TYR CD1 HD1  sing N N 320 
TYR CD2 CE2  doub Y N 321 
TYR CD2 HD2  sing N N 322 
TYR CE1 CZ   doub Y N 323 
TYR CE1 HE1  sing N N 324 
TYR CE2 CZ   sing Y N 325 
TYR CE2 HE2  sing N N 326 
TYR CZ  OH   sing N N 327 
TYR OH  HH   sing N N 328 
TYR OXT HXT  sing N N 329 
VAL N   CA   sing N N 330 
VAL N   H    sing N N 331 
VAL N   H2   sing N N 332 
VAL CA  C    sing N N 333 
VAL CA  CB   sing N N 334 
VAL CA  HA   sing N N 335 
VAL C   O    doub N N 336 
VAL C   OXT  sing N N 337 
VAL CB  CG1  sing N N 338 
VAL CB  CG2  sing N N 339 
VAL CB  HB   sing N N 340 
VAL CG1 HG11 sing N N 341 
VAL CG1 HG12 sing N N 342 
VAL CG1 HG13 sing N N 343 
VAL CG2 HG21 sing N N 344 
VAL CG2 HG22 sing N N 345 
VAL CG2 HG23 sing N N 346 
VAL OXT HXT  sing N N 347 
# 
_atom_sites.entry_id                    2HH7 
_atom_sites.fract_transf_matrix[1][1]   0.00928797 
_atom_sites.fract_transf_matrix[1][2]   -0.00839014 
_atom_sites.fract_transf_matrix[1][3]   0.00203448 
_atom_sites.fract_transf_matrix[2][1]   0.01124785 
_atom_sites.fract_transf_matrix[2][2]   0.00392332 
_atom_sites.fract_transf_matrix[2][3]   0.00434755 
_atom_sites.fract_transf_matrix[3][1]   -0.00682443 
_atom_sites.fract_transf_matrix[3][2]   -0.00268571 
_atom_sites.fract_transf_matrix[3][3]   0.02007960 
_atom_sites.fract_transf_vector[1]      0.143208 
_atom_sites.fract_transf_vector[2]      -0.340880 
_atom_sites.fract_transf_vector[3]      -0.135853 
# 
loop_
_atom_type.symbol 
C  
CU 
N  
O  
S  
# 
loop_
_atom_site.group_PDB 
_atom_site.id 
_atom_site.type_symbol 
_atom_site.label_atom_id 
_atom_site.label_alt_id 
_atom_site.label_comp_id 
_atom_site.label_asym_id 
_atom_site.label_entity_id 
_atom_site.label_seq_id 
_atom_site.pdbx_PDB_ins_code 
_atom_site.Cartn_x 
_atom_site.Cartn_y 
_atom_site.Cartn_z 
_atom_site.occupancy 
_atom_site.B_iso_or_equiv 
_atom_site.pdbx_formal_charge 
_atom_site.auth_seq_id 
_atom_site.auth_comp_id 
_atom_site.auth_asym_id 
_atom_site.auth_atom_id 
_atom_site.pdbx_PDB_model_num 
ATOM   1   N  N   . GLU A 1 4  ? 17.277  5.344   7.494   1.00 106.99 ? 4   GLU A N   1 
ATOM   2   C  CA  . GLU A 1 4  ? 16.654  4.695   8.653   1.00 112.00 ? 4   GLU A CA  1 
ATOM   3   C  C   . GLU A 1 4  ? 15.098  4.799   8.673   1.00 106.84 ? 4   GLU A C   1 
ATOM   4   O  O   . GLU A 1 4  ? 14.524  5.789   8.188   1.00 89.67  ? 4   GLU A O   1 
ATOM   5   C  CB  . GLU A 1 4  ? 17.266  5.233   9.948   1.00 111.27 ? 4   GLU A CB  1 
ATOM   6   C  CG  . GLU A 1 4  ? 17.627  4.143   10.920  1.00 128.40 ? 4   GLU A CG  1 
ATOM   7   C  CD  . GLU A 1 4  ? 16.895  2.856   10.606  1.00 135.43 ? 4   GLU A CD  1 
ATOM   8   O  OE1 . GLU A 1 4  ? 17.291  2.166   9.629   1.00 142.71 ? 4   GLU A OE1 1 
ATOM   9   O  OE2 . GLU A 1 4  ? 15.921  2.546   11.334  1.00 124.30 ? 4   GLU A OE2 1 
ATOM   10  N  N   . LEU A 1 5  ? 14.431  3.796   9.261   1.00 91.68  ? 5   LEU A N   1 
ATOM   11  C  CA  . LEU A 1 5  ? 13.020  3.501   8.929   1.00 93.51  ? 5   LEU A CA  1 
ATOM   12  C  C   . LEU A 1 5  ? 11.925  4.030   9.837   1.00 85.93  ? 5   LEU A C   1 
ATOM   13  O  O   . LEU A 1 5  ? 11.876  3.691   11.021  1.00 90.41  ? 5   LEU A O   1 
ATOM   14  C  CB  . LEU A 1 5  ? 12.793  2.002   8.803   1.00 92.73  ? 5   LEU A CB  1 
ATOM   15  C  CG  . LEU A 1 5  ? 11.886  1.707   7.628   1.00 67.32  ? 5   LEU A CG  1 
ATOM   16  C  CD1 . LEU A 1 5  ? 12.729  1.928   6.367   1.00 70.62  ? 5   LEU A CD1 1 
ATOM   17  C  CD2 . LEU A 1 5  ? 11.284  0.311   7.678   1.00 64.48  ? 5   LEU A CD2 1 
ATOM   18  N  N   . THR A 1 6  ? 11.005  4.790   9.239   1.00 86.63  ? 6   THR A N   1 
ATOM   19  C  CA  . THR A 1 6  ? 9.860   5.421   9.940   1.00 91.29  ? 6   THR A CA  1 
ATOM   20  C  C   . THR A 1 6  ? 8.863   4.514   10.694  1.00 81.44  ? 6   THR A C   1 
ATOM   21  O  O   . THR A 1 6  ? 8.659   3.345   10.353  1.00 84.12  ? 6   THR A O   1 
ATOM   22  C  CB  . THR A 1 6  ? 9.046   6.350   8.965   1.00 88.77  ? 6   THR A CB  1 
ATOM   23  O  OG1 . THR A 1 6  ? 9.807   7.528   8.679   1.00 77.54  ? 6   THR A OG1 1 
ATOM   24  C  CG2 . THR A 1 6  ? 7.689   6.781   9.562   1.00 97.64  ? 6   THR A CG2 1 
ATOM   25  N  N   . ALA A 1 7  ? 8.284   5.088   11.747  1.00 91.27  ? 7   ALA A N   1 
ATOM   26  C  CA  . ALA A 1 7  ? 6.955   4.730   12.262  1.00 106.75 ? 7   ALA A CA  1 
ATOM   27  C  C   . ALA A 1 7  ? 6.105   3.982   11.232  1.00 98.85  ? 7   ALA A C   1 
ATOM   28  O  O   . ALA A 1 7  ? 5.983   2.734   11.251  1.00 73.51  ? 7   ALA A O   1 
ATOM   29  C  CB  . ALA A 1 7  ? 6.199   6.047   12.695  1.00 92.01  ? 7   ALA A CB  1 
ATOM   30  N  N   . LYS A 1 8  ? 5.533   4.803   10.346  1.00 87.91  ? 8   LYS A N   1 
ATOM   31  C  CA  . LYS A 1 8  ? 4.622   4.400   9.287   1.00 89.20  ? 8   LYS A CA  1 
ATOM   32  C  C   . LYS A 1 8  ? 5.245   3.421   8.267   1.00 84.23  ? 8   LYS A C   1 
ATOM   33  O  O   . LYS A 1 8  ? 4.626   2.411   7.925   1.00 89.79  ? 8   LYS A O   1 
ATOM   34  C  CB  . LYS A 1 8  ? 4.070   5.655   8.595   1.00 70.75  ? 8   LYS A CB  1 
ATOM   35  C  CG  . LYS A 1 8  ? 3.574   6.729   9.565   1.00 79.65  ? 8   LYS A CG  1 
ATOM   36  C  CD  . LYS A 1 8  ? 2.744   7.827   8.855   1.00 81.12  ? 8   LYS A CD  1 
ATOM   37  C  CE  . LYS A 1 8  ? 2.520   9.039   9.751   1.00 76.87  ? 8   LYS A CE  1 
ATOM   38  N  NZ  . LYS A 1 8  ? 1.867   8.784   11.080  1.00 67.75  ? 8   LYS A NZ  1 
ATOM   39  N  N   . LYS A 1 9  ? 6.455   3.704   7.784   1.00 78.14  ? 9   LYS A N   1 
ATOM   40  C  CA  . LYS A 1 9  ? 7.106   2.807   6.822   1.00 75.33  ? 9   LYS A CA  1 
ATOM   41  C  C   . LYS A 1 9  ? 7.401   1.406   7.360   1.00 78.95  ? 9   LYS A C   1 
ATOM   42  O  O   . LYS A 1 9  ? 7.381   0.457   6.598   1.00 63.94  ? 9   LYS A O   1 
ATOM   43  C  CB  . LYS A 1 9  ? 8.355   3.438   6.245   1.00 54.45  ? 9   LYS A CB  1 
ATOM   44  C  CG  . LYS A 1 9  ? 8.008   4.712   5.559   1.00 72.37  ? 9   LYS A CG  1 
ATOM   45  C  CD  . LYS A 1 9  ? 9.097   5.143   4.652   1.00 74.07  ? 9   LYS A CD  1 
ATOM   46  C  CE  . LYS A 1 9  ? 9.893   3.958   4.174   1.00 78.70  ? 9   LYS A CE  1 
ATOM   47  N  NZ  . LYS A 1 9  ? 10.752  4.476   3.072   1.00 83.60  ? 9   LYS A NZ  1 
ATOM   48  N  N   . ARG A 1 10 ? 7.672   1.283   8.660   1.00 69.06  ? 10  ARG A N   1 
ATOM   49  C  CA  . ARG A 1 10 ? 7.772   -0.013  9.310   1.00 73.37  ? 10  ARG A CA  1 
ATOM   50  C  C   . ARG A 1 10 ? 6.455   -0.805  9.211   1.00 87.36  ? 10  ARG A C   1 
ATOM   51  O  O   . ARG A 1 10 ? 6.414   -1.989  8.806   1.00 71.38  ? 10  ARG A O   1 
ATOM   52  C  CB  . ARG A 1 10 ? 8.134   0.182   10.779  1.00 80.74  ? 10  ARG A CB  1 
ATOM   53  C  CG  . ARG A 1 10 ? 9.604   0.443   11.012  1.00 94.90  ? 10  ARG A CG  1 
ATOM   54  C  CD  . ARG A 1 10 ? 10.440  -0.763  10.585  1.00 111.29 ? 10  ARG A CD  1 
ATOM   55  N  NE  . ARG A 1 10 ? 10.179  -1.950  11.398  1.00 114.18 ? 10  ARG A NE  1 
ATOM   56  C  CZ  . ARG A 1 10 ? 9.473   -3.005  10.990  1.00 133.11 ? 10  ARG A CZ  1 
ATOM   57  N  NH1 . ARG A 1 10 ? 8.953   -3.023  9.761   1.00 114.40 ? 10  ARG A NH1 1 
ATOM   58  N  NH2 . ARG A 1 10 ? 9.288   -4.047  11.807  1.00 134.09 ? 10  ARG A NH2 1 
ATOM   59  N  N   . ALA A 1 11 ? 5.376   -0.128  9.583   1.00 81.02  ? 11  ALA A N   1 
ATOM   60  C  CA  . ALA A 1 11 ? 4.080   -0.757  9.725   1.00 68.65  ? 11  ALA A CA  1 
ATOM   61  C  C   . ALA A 1 11 ? 3.517   -1.174  8.366   1.00 77.59  ? 11  ALA A C   1 
ATOM   62  O  O   . ALA A 1 11 ? 2.996   -2.296  8.208   1.00 74.10  ? 11  ALA A O   1 
ATOM   63  C  CB  . ALA A 1 11 ? 3.167   0.179   10.415  1.00 61.57  ? 11  ALA A CB  1 
ATOM   64  N  N   . ALA A 1 12 ? 3.628   -0.249  7.410   1.00 59.95  ? 12  ALA A N   1 
ATOM   65  C  CA  . ALA A 1 12 ? 3.377   -0.501  6.000   1.00 61.29  ? 12  ALA A CA  1 
ATOM   66  C  C   . ALA A 1 12 ? 4.119   -1.761  5.505   1.00 65.54  ? 12  ALA A C   1 
ATOM   67  O  O   . ALA A 1 12 ? 3.557   -2.603  4.802   1.00 56.08  ? 12  ALA A O   1 
ATOM   68  C  CB  . ALA A 1 12 ? 3.776   0.729   5.179   1.00 47.11  ? 12  ALA A CB  1 
ATOM   69  N  N   . LEU A 1 13 ? 5.387   -1.855  5.884   1.00 57.48  ? 13  LEU A N   1 
ATOM   70  C  CA  . LEU A 1 13 ? 6.241   -2.984  5.592   1.00 68.00  ? 13  LEU A CA  1 
ATOM   71  C  C   . LEU A 1 13 ? 5.709   -4.262  6.229   1.00 71.76  ? 13  LEU A C   1 
ATOM   72  O  O   . LEU A 1 13 ? 5.631   -5.304  5.594   1.00 61.85  ? 13  LEU A O   1 
ATOM   73  C  CB  . LEU A 1 13 ? 7.632   -2.717  6.163   1.00 61.96  ? 13  LEU A CB  1 
ATOM   74  C  CG  . LEU A 1 13 ? 8.540   -3.923  6.082   1.00 56.78  ? 13  LEU A CG  1 
ATOM   75  C  CD1 . LEU A 1 13 ? 8.883   -4.145  4.630   1.00 60.44  ? 13  LEU A CD1 1 
ATOM   76  C  CD2 . LEU A 1 13 ? 9.755   -3.708  6.927   1.00 72.68  ? 13  LEU A CD2 1 
ATOM   77  N  N   . ASN A 1 14 ? 5.368   -4.201  7.502   1.00 62.32  ? 14  ASN A N   1 
ATOM   78  C  CA  . ASN A 1 14 ? 4.883   -5.401  8.130   1.00 64.49  ? 14  ASN A CA  1 
ATOM   79  C  C   . ASN A 1 14 ? 3.536   -5.768  7.532   1.00 72.99  ? 14  ASN A C   1 
ATOM   80  O  O   . ASN A 1 14 ? 3.300   -6.934  7.224   1.00 63.94  ? 14  ASN A O   1 
ATOM   81  C  CB  . ASN A 1 14 ? 4.816   -5.249  9.643   1.00 64.51  ? 14  ASN A CB  1 
ATOM   82  C  CG  . ASN A 1 14 ? 6.193   -5.323  10.298  1.00 93.41  ? 14  ASN A CG  1 
ATOM   83  O  OD1 . ASN A 1 14 ? 7.229   -5.458  9.623   1.00 90.72  ? 14  ASN A OD1 1 
ATOM   84  N  ND2 . ASN A 1 14 ? 6.211   -5.242  11.626  1.00 97.34  ? 14  ASN A ND2 1 
ATOM   85  N  N   . ARG A 1 15 ? 2.676   -4.766  7.345   1.00 59.62  ? 15  ARG A N   1 
ATOM   86  C  CA  . ARG A 1 15 ? 1.406   -4.975  6.678   1.00 62.04  ? 15  ARG A CA  1 
ATOM   87  C  C   . ARG A 1 15 ? 1.601   -5.707  5.342   1.00 61.60  ? 15  ARG A C   1 
ATOM   88  O  O   . ARG A 1 15 ? 0.959   -6.731  5.094   1.00 54.60  ? 15  ARG A O   1 
ATOM   89  C  CB  . ARG A 1 15 ? 0.657   -3.648  6.490   1.00 73.22  ? 15  ARG A CB  1 
ATOM   90  C  CG  . ARG A 1 15 ? -0.726  -3.773  5.818   1.00 74.02  ? 15  ARG A CG  1 
ATOM   91  C  CD  . ARG A 1 15 ? -1.721  -2.707  6.342   1.00 89.06  ? 15  ARG A CD  1 
ATOM   92  N  NE  . ARG A 1 15 ? -2.988  -3.331  6.721   1.00 91.19  ? 15  ARG A NE  1 
ATOM   93  C  CZ  . ARG A 1 15 ? -3.414  -3.487  7.972   1.00 98.09  ? 15  ARG A CZ  1 
ATOM   94  N  NH1 . ARG A 1 15 ? -4.576  -4.096  8.206   1.00 92.75  ? 15  ARG A NH1 1 
ATOM   95  N  NH2 . ARG A 1 15 ? -2.684  -3.025  8.986   1.00 112.07 ? 15  ARG A NH2 1 
ATOM   96  N  N   . LEU A 1 16 ? 2.498   -5.186  4.509   1.00 56.40  ? 16  LEU A N   1 
ATOM   97  C  CA  . LEU A 1 16 ? 2.871   -5.809  3.239   1.00 64.26  ? 16  LEU A CA  1 
ATOM   98  C  C   . LEU A 1 16 ? 3.363   -7.253  3.369   1.00 69.64  ? 16  LEU A C   1 
ATOM   99  O  O   . LEU A 1 16 ? 3.061   -8.086  2.498   1.00 59.94  ? 16  LEU A O   1 
ATOM   100 C  CB  . LEU A 1 16 ? 3.948   -4.991  2.510   1.00 56.54  ? 16  LEU A CB  1 
ATOM   101 C  CG  . LEU A 1 16 ? 3.532   -3.928  1.465   1.00 69.38  ? 16  LEU A CG  1 
ATOM   102 C  CD1 . LEU A 1 16 ? 2.455   -3.033  1.968   1.00 52.28  ? 16  LEU A CD1 1 
ATOM   103 C  CD2 . LEU A 1 16 ? 4.718   -3.064  1.010   1.00 70.47  ? 16  LEU A CD2 1 
ATOM   104 N  N   . LYS A 1 17 ? 4.129   -7.539  4.429   1.00 59.36  ? 17  LYS A N   1 
ATOM   105 C  CA  . LYS A 1 17 ? 4.663   -8.884  4.641   1.00 64.80  ? 17  LYS A CA  1 
ATOM   106 C  C   . LYS A 1 17 ? 3.515   -9.848  4.924   1.00 70.81  ? 17  LYS A C   1 
ATOM   107 O  O   . LYS A 1 17 ? 3.406   -10.917 4.296   1.00 64.72  ? 17  LYS A O   1 
ATOM   108 C  CB  . LYS A 1 17 ? 5.663   -8.930  5.799   1.00 71.75  ? 17  LYS A CB  1 
ATOM   109 C  CG  . LYS A 1 17 ? 7.069   -8.427  5.490   1.00 71.38  ? 17  LYS A CG  1 
ATOM   110 C  CD  . LYS A 1 17 ? 7.748   -8.069  6.810   1.00 72.33  ? 17  LYS A CD  1 
ATOM   111 C  CE  . LYS A 1 17 ? 9.164   -7.557  6.626   1.00 94.92  ? 17  LYS A CE  1 
ATOM   112 N  NZ  . LYS A 1 17 ? 9.809   -7.175  7.932   1.00 96.56  ? 17  LYS A NZ  1 
ATOM   113 N  N   . THR A 1 18 ? 2.681   -9.455  5.882   1.00 56.94  ? 18  THR A N   1 
ATOM   114 C  CA  . THR A 1 18 ? 1.395   -10.093 6.147   1.00 73.36  ? 18  THR A CA  1 
ATOM   115 C  C   . THR A 1 18 ? 0.547   -10.372 4.885   1.00 67.11  ? 18  THR A C   1 
ATOM   116 O  O   . THR A 1 18 ? -0.097  -11.407 4.787   1.00 64.35  ? 18  THR A O   1 
ATOM   117 C  CB  . THR A 1 18 ? 0.579   -9.251  7.159   1.00 76.55  ? 18  THR A CB  1 
ATOM   118 O  OG1 . THR A 1 18 ? 1.187   -9.354  8.454   1.00 80.00  ? 18  THR A OG1 1 
ATOM   119 C  CG2 . THR A 1 18 ? -0.875  -9.734  7.237   1.00 82.18  ? 18  THR A CG2 1 
ATOM   120 N  N   . VAL A 1 19 ? 0.565   -9.453  3.926   1.00 58.30  ? 19  VAL A N   1 
ATOM   121 C  CA  . VAL A 1 19 ? -0.269  -9.586  2.742   1.00 69.24  ? 19  VAL A CA  1 
ATOM   122 C  C   . VAL A 1 19 ? 0.337   -10.595 1.757   1.00 78.97  ? 19  VAL A C   1 
ATOM   123 O  O   . VAL A 1 19 ? -0.382  -11.273 0.993   1.00 73.62  ? 19  VAL A O   1 
ATOM   124 C  CB  . VAL A 1 19 ? -0.501  -8.211  2.029   1.00 74.82  ? 19  VAL A CB  1 
ATOM   125 C  CG1 . VAL A 1 19 ? -1.096  -8.410  0.625   1.00 71.47  ? 19  VAL A CG1 1 
ATOM   126 C  CG2 . VAL A 1 19 ? -1.385  -7.269  2.871   1.00 69.27  ? 19  VAL A CG2 1 
ATOM   127 N  N   . ARG A 1 20 ? 1.662   -10.691 1.758   1.00 70.78  ? 20  ARG A N   1 
ATOM   128 C  CA  . ARG A 1 20 ? 2.305   -11.656 0.879   1.00 74.33  ? 20  ARG A CA  1 
ATOM   129 C  C   . ARG A 1 20 ? 1.976   -13.092 1.295   1.00 65.37  ? 20  ARG A C   1 
ATOM   130 O  O   . ARG A 1 20 ? 1.914   -13.974 0.467   1.00 65.39  ? 20  ARG A O   1 
ATOM   131 C  CB  . ARG A 1 20 ? 3.807   -11.444 0.835   1.00 70.46  ? 20  ARG A CB  1 
ATOM   132 C  CG  . ARG A 1 20 ? 4.527   -12.409 -0.108  1.00 71.24  ? 20  ARG A CG  1 
ATOM   133 C  CD  . ARG A 1 20 ? 5.998   -12.219 0.072   1.00 84.76  ? 20  ARG A CD  1 
ATOM   134 N  NE  . ARG A 1 20 ? 6.306   -12.058 1.506   1.00 104.80 ? 20  ARG A NE  1 
ATOM   135 C  CZ  . ARG A 1 20 ? 7.412   -11.496 2.017   1.00 82.18  ? 20  ARG A CZ  1 
ATOM   136 N  NH1 . ARG A 1 20 ? 7.549   -11.433 3.347   1.00 57.78  ? 20  ARG A NH1 1 
ATOM   137 N  NH2 . ARG A 1 20 ? 8.368   -11.002 1.217   1.00 54.41  ? 20  ARG A NH2 1 
ATOM   138 N  N   . GLY A 1 21 ? 1.737   -13.302 2.582   1.00 57.37  ? 21  GLY A N   1 
ATOM   139 C  CA  . GLY A 1 21 ? 1.378   -14.605 3.091   1.00 72.16  ? 21  GLY A CA  1 
ATOM   140 C  C   . GLY A 1 21 ? -0.066  -14.883 2.753   1.00 82.53  ? 21  GLY A C   1 
ATOM   141 O  O   . GLY A 1 21 ? -0.398  -15.989 2.308   1.00 63.82  ? 21  GLY A O   1 
ATOM   142 N  N   . HIS A 1 22 ? -0.911  -13.871 2.969   1.00 73.36  ? 22  HIS A N   1 
ATOM   143 C  CA  . HIS A 1 22 ? -2.308  -13.912 2.560   1.00 74.42  ? 22  HIS A CA  1 
ATOM   144 C  C   . HIS A 1 22 ? -2.427  -14.341 1.080   1.00 64.01  ? 22  HIS A C   1 
ATOM   145 O  O   . HIS A 1 22 ? -3.233  -15.191 0.729   1.00 63.68  ? 22  HIS A O   1 
ATOM   146 C  CB  . HIS A 1 22 ? -2.954  -12.538 2.805   1.00 61.01  ? 22  HIS A CB  1 
ATOM   147 C  CG  . HIS A 1 22 ? -4.449  -12.581 2.901   1.00 98.88  ? 22  HIS A CG  1 
ATOM   148 N  ND1 . HIS A 1 22 ? -5.190  -11.548 3.452   1.00 105.12 ? 22  HIS A ND1 1 
ATOM   149 C  CD2 . HIS A 1 22 ? -5.343  -13.539 2.550   1.00 87.66  ? 22  HIS A CD2 1 
ATOM   150 C  CE1 . HIS A 1 22 ? -6.474  -11.862 3.409   1.00 95.59  ? 22  HIS A CE1 1 
ATOM   151 N  NE2 . HIS A 1 22 ? -6.595  -13.068 2.874   1.00 96.70  ? 22  HIS A NE2 1 
ATOM   152 N  N   . LEU A 1 23 ? -1.600  -13.741 0.232   1.00 63.33  ? 23  LEU A N   1 
ATOM   153 C  CA  . LEU A 1 23 ? -1.493  -14.069 -1.193  1.00 70.14  ? 23  LEU A CA  1 
ATOM   154 C  C   . LEU A 1 23 ? -1.118  -15.532 -1.511  1.00 70.25  ? 23  LEU A C   1 
ATOM   155 O  O   . LEU A 1 23 ? -1.578  -16.129 -2.492  1.00 60.31  ? 23  LEU A O   1 
ATOM   156 C  CB  . LEU A 1 23 ? -0.433  -13.157 -1.812  1.00 61.13  ? 23  LEU A CB  1 
ATOM   157 C  CG  . LEU A 1 23 ? -0.990  -12.167 -2.788  1.00 63.63  ? 23  LEU A CG  1 
ATOM   158 C  CD1 . LEU A 1 23 ? -1.213  -12.891 -4.090  1.00 64.71  ? 23  LEU A CD1 1 
ATOM   159 C  CD2 . LEU A 1 23 ? -2.278  -11.702 -2.184  1.00 72.85  ? 23  LEU A CD2 1 
ATOM   160 N  N   . ASP A 1 24 ? -0.218  -16.072 -0.697  1.00 72.65  ? 24  ASP A N   1 
ATOM   161 C  CA  . ASP A 1 24 ? 0.237   -17.455 -0.793  1.00 74.45  ? 24  ASP A CA  1 
ATOM   162 C  C   . ASP A 1 24 ? -0.899  -18.442 -0.650  1.00 67.44  ? 24  ASP A C   1 
ATOM   163 O  O   . ASP A 1 24 ? -0.976  -19.438 -1.375  1.00 54.31  ? 24  ASP A O   1 
ATOM   164 C  CB  . ASP A 1 24 ? 1.243   -17.722 0.324   1.00 80.38  ? 24  ASP A CB  1 
ATOM   165 C  CG  . ASP A 1 24 ? 2.652   -17.594 -0.140  1.00 89.88  ? 24  ASP A CG  1 
ATOM   166 O  OD1 . ASP A 1 24 ? 3.416   -16.811 0.479   1.00 93.95  ? 24  ASP A OD1 1 
ATOM   167 O  OD2 . ASP A 1 24 ? 2.982   -18.280 -1.139  1.00 111.47 ? 24  ASP A OD2 1 
ATOM   168 N  N   . GLY A 1 25 ? -1.736  -18.145 0.343   1.00 69.32  ? 25  GLY A N   1 
ATOM   169 C  CA  . GLY A 1 25 ? -2.925  -18.891 0.688   1.00 65.98  ? 25  GLY A CA  1 
ATOM   170 C  C   . GLY A 1 25 ? -3.880  -18.918 -0.470  1.00 70.87  ? 25  GLY A C   1 
ATOM   171 O  O   . GLY A 1 25 ? -4.445  -19.967 -0.778  1.00 67.47  ? 25  GLY A O   1 
ATOM   172 N  N   . ILE A 1 26 ? -4.034  -17.773 -1.129  1.00 62.28  ? 26  ILE A N   1 
ATOM   173 C  CA  . ILE A 1 26 ? -4.965  -17.665 -2.230  1.00 56.76  ? 26  ILE A CA  1 
ATOM   174 C  C   . ILE A 1 26 ? -4.435  -18.447 -3.411  1.00 54.66  ? 26  ILE A C   1 
ATOM   175 O  O   . ILE A 1 26 ? -5.188  -19.172 -4.058  1.00 66.53  ? 26  ILE A O   1 
ATOM   176 C  CB  . ILE A 1 26 ? -5.238  -16.185 -2.631  1.00 62.04  ? 26  ILE A CB  1 
ATOM   177 C  CG1 . ILE A 1 26 ? -5.758  -15.373 -1.434  1.00 62.13  ? 26  ILE A CG1 1 
ATOM   178 C  CG2 . ILE A 1 26 ? -6.211  -16.138 -3.781  1.00 63.27  ? 26  ILE A CG2 1 
ATOM   179 C  CD1 . ILE A 1 26 ? -5.478  -13.870 -1.579  1.00 60.37  ? 26  ILE A CD1 1 
ATOM   180 N  N   . VAL A 1 27 ? -3.146  -18.274 -3.709  1.00 64.80  ? 27  VAL A N   1 
ATOM   181 C  CA  . VAL A 1 27 ? -2.468  -19.026 -4.782  1.00 78.76  ? 27  VAL A CA  1 
ATOM   182 C  C   . VAL A 1 27 ? -2.669  -20.522 -4.577  1.00 72.37  ? 27  VAL A C   1 
ATOM   183 O  O   . VAL A 1 27 ? -2.974  -21.256 -5.493  1.00 67.22  ? 27  VAL A O   1 
ATOM   184 C  CB  . VAL A 1 27 ? -0.943  -18.727 -4.837  1.00 66.91  ? 27  VAL A CB  1 
ATOM   185 C  CG1 . VAL A 1 27 ? -0.214  -19.797 -5.665  1.00 53.65  ? 27  VAL A CG1 1 
ATOM   186 C  CG2 . VAL A 1 27 ? -0.707  -17.354 -5.409  1.00 49.53  ? 27  VAL A CG2 1 
ATOM   187 N  N   . ARG A 1 28 ? -2.543  -20.932 -3.330  1.00 61.49  ? 28  ARG A N   1 
ATOM   188 C  CA  . ARG A 1 28 ? -2.700  -22.294 -2.908  1.00 69.54  ? 28  ARG A CA  1 
ATOM   189 C  C   . ARG A 1 28 ? -4.128  -22.847 -3.149  1.00 73.81  ? 28  ARG A C   1 
ATOM   190 O  O   . ARG A 1 28 ? -4.343  -23.885 -3.790  1.00 68.22  ? 28  ARG A O   1 
ATOM   191 C  CB  . ARG A 1 28 ? -2.299  -22.338 -1.427  1.00 68.79  ? 28  ARG A CB  1 
ATOM   192 C  CG  . ARG A 1 28 ? -1.739  -23.629 -0.965  1.00 58.13  ? 28  ARG A CG  1 
ATOM   193 C  CD  . ARG A 1 28 ? -0.485  -23.485 -0.152  1.00 72.32  ? 28  ARG A CD  1 
ATOM   194 N  NE  . ARG A 1 28 ? -0.562  -22.460 0.864   1.00 79.75  ? 28  ARG A NE  1 
ATOM   195 C  CZ  . ARG A 1 28 ? 0.519   -21.947 1.446   1.00 98.67  ? 28  ARG A CZ  1 
ATOM   196 N  NH1 . ARG A 1 28 ? 1.736   -22.387 1.092   1.00 90.13  ? 28  ARG A NH1 1 
ATOM   197 N  NH2 . ARG A 1 28 ? 0.385   -21.000 2.377   1.00 92.83  ? 28  ARG A NH2 1 
ATOM   198 N  N   . MET A 1 29 ? -5.118  -22.166 -2.623  1.00 64.34  ? 29  MET A N   1 
ATOM   199 C  CA  . MET A 1 29 ? -6.467  -22.638 -2.829  1.00 81.12  ? 29  MET A CA  1 
ATOM   200 C  C   . MET A 1 29 ? -6.885  -22.649 -4.310  1.00 74.37  ? 29  MET A C   1 
ATOM   201 O  O   . MET A 1 29 ? -7.618  -23.525 -4.749  1.00 67.34  ? 29  MET A O   1 
ATOM   202 C  CB  . MET A 1 29 ? -7.421  -21.811 -1.990  1.00 67.79  ? 29  MET A CB  1 
ATOM   203 C  CG  . MET A 1 29 ? -7.559  -20.358 -2.417  1.00 68.54  ? 29  MET A CG  1 
ATOM   204 S  SD  . MET A 1 29 ? -8.287  -19.584 -0.978  1.00 67.25  ? 29  MET A SD  1 
ATOM   205 C  CE  . MET A 1 29 ? -10.009 -20.119 -1.170  1.00 68.27  ? 29  MET A CE  1 
ATOM   206 N  N   . LEU A 1 30 ? -6.403  -21.684 -5.077  1.00 75.43  ? 30  LEU A N   1 
ATOM   207 C  CA  . LEU A 1 30 ? -6.733  -21.630 -6.495  1.00 78.07  ? 30  LEU A CA  1 
ATOM   208 C  C   . LEU A 1 30 ? -6.119  -22.854 -7.162  1.00 71.35  ? 30  LEU A C   1 
ATOM   209 O  O   . LEU A 1 30 ? -6.709  -23.472 -8.043  1.00 85.12  ? 30  LEU A O   1 
ATOM   210 C  CB  . LEU A 1 30 ? -6.201  -20.328 -7.121  1.00 84.22  ? 30  LEU A CB  1 
ATOM   211 C  CG  . LEU A 1 30 ? -7.070  -19.502 -8.069  1.00 73.04  ? 30  LEU A CG  1 
ATOM   212 C  CD1 . LEU A 1 30 ? -8.545  -19.453 -7.592  1.00 70.12  ? 30  LEU A CD1 1 
ATOM   213 C  CD2 . LEU A 1 30 ? -6.450  -18.112 -8.184  1.00 66.16  ? 30  LEU A CD2 1 
ATOM   214 N  N   . GLU A 1 31 ? -4.930  -23.214 -6.721  1.00 67.89  ? 31  GLU A N   1 
ATOM   215 C  CA  . GLU A 1 31 ? -4.246  -24.393 -7.242  1.00 86.39  ? 31  GLU A CA  1 
ATOM   216 C  C   . GLU A 1 31 ? -5.033  -25.703 -6.983  1.00 83.83  ? 31  GLU A C   1 
ATOM   217 O  O   . GLU A 1 31 ? -4.983  -26.624 -7.795  1.00 74.08  ? 31  GLU A O   1 
ATOM   218 C  CB  . GLU A 1 31 ? -2.830  -24.457 -6.658  1.00 68.31  ? 31  GLU A CB  1 
ATOM   219 C  CG  . GLU A 1 31 ? -1.748  -24.700 -7.685  1.00 93.09  ? 31  GLU A CG  1 
ATOM   220 C  CD  . GLU A 1 31 ? -0.429  -24.022 -7.323  1.00 119.07 ? 31  GLU A CD  1 
ATOM   221 O  OE1 . GLU A 1 31 ? -0.326  -23.455 -6.202  1.00 88.92  ? 31  GLU A OE1 1 
ATOM   222 O  OE2 . GLU A 1 31 ? 0.501   -24.058 -8.169  1.00 140.26 ? 31  GLU A OE2 1 
ATOM   223 N  N   . SER A 1 32 ? -5.754  -25.753 -5.861  1.00 63.87  ? 32  SER A N   1 
ATOM   224 C  CA  . SER A 1 32 ? -6.604  -26.872 -5.491  1.00 71.34  ? 32  SER A CA  1 
ATOM   225 C  C   . SER A 1 32 ? -8.012  -26.761 -6.048  1.00 78.55  ? 32  SER A C   1 
ATOM   226 O  O   . SER A 1 32 ? -8.926  -27.410 -5.524  1.00 77.61  ? 32  SER A O   1 
ATOM   227 C  CB  . SER A 1 32 ? -6.700  -26.951 -3.973  1.00 76.49  ? 32  SER A CB  1 
ATOM   228 O  OG  . SER A 1 32 ? -5.410  -27.023 -3.416  1.00 70.70  ? 32  SER A OG  1 
ATOM   229 N  N   . ASP A 1 33 ? -8.167  -25.936 -7.094  1.00 76.88  ? 33  ASP A N   1 
ATOM   230 C  CA  . ASP A 1 33 ? -9.459  -25.604 -7.724  1.00 72.34  ? 33  ASP A CA  1 
ATOM   231 C  C   . ASP A 1 33 ? -10.559 -25.222 -6.706  1.00 66.56  ? 33  ASP A C   1 
ATOM   232 O  O   . ASP A 1 33 ? -11.711 -25.685 -6.789  1.00 61.48  ? 33  ASP A O   1 
ATOM   233 C  CB  . ASP A 1 33 ? -9.897  -26.731 -8.680  1.00 89.57  ? 33  ASP A CB  1 
ATOM   234 C  CG  . ASP A 1 33 ? -11.154 -26.393 -9.497  1.00 91.56  ? 33  ASP A CG  1 
ATOM   235 O  OD1 . ASP A 1 33 ? -12.120 -27.181 -9.416  1.00 108.76 ? 33  ASP A OD1 1 
ATOM   236 O  OD2 . ASP A 1 33 ? -11.181 -25.384 -10.243 1.00 76.30  ? 33  ASP A OD2 1 
ATOM   237 N  N   . ALA A 1 34 ? -10.183 -24.362 -5.756  1.00 60.60  ? 34  ALA A N   1 
ATOM   238 C  CA  . ALA A 1 34 ? -11.104 -23.820 -4.732  1.00 69.65  ? 34  ALA A CA  1 
ATOM   239 C  C   . ALA A 1 34 ? -12.367 -23.125 -5.244  1.00 72.49  ? 34  ALA A C   1 
ATOM   240 O  O   . ALA A 1 34 ? -12.409 -22.575 -6.348  1.00 72.46  ? 34  ALA A O   1 
ATOM   241 C  CB  . ALA A 1 34 ? -10.383 -22.885 -3.792  1.00 59.16  ? 34  ALA A CB  1 
ATOM   242 N  N   . TYR A 1 35 ? -13.389 -23.152 -4.401  1.00 63.80  ? 35  TYR A N   1 
ATOM   243 C  CA  . TYR A 1 35 ? -14.630 -22.433 -4.644  1.00 74.60  ? 35  TYR A CA  1 
ATOM   244 C  C   . TYR A 1 35 ? -14.458 -20.927 -4.972  1.00 78.00  ? 35  TYR A C   1 
ATOM   245 O  O   . TYR A 1 35 ? -13.910 -20.129 -4.168  1.00 62.83  ? 35  TYR A O   1 
ATOM   246 C  CB  . TYR A 1 35 ? -15.569 -22.610 -3.462  1.00 65.95  ? 35  TYR A CB  1 
ATOM   247 C  CG  . TYR A 1 35 ? -16.912 -22.059 -3.772  1.00 79.42  ? 35  TYR A CG  1 
ATOM   248 C  CD1 . TYR A 1 35 ? -17.581 -21.257 -2.863  1.00 66.25  ? 35  TYR A CD1 1 
ATOM   249 C  CD2 . TYR A 1 35 ? -17.506 -22.319 -5.009  1.00 77.46  ? 35  TYR A CD2 1 
ATOM   250 C  CE1 . TYR A 1 35 ? -18.809 -20.753 -3.153  1.00 77.91  ? 35  TYR A CE1 1 
ATOM   251 C  CE2 . TYR A 1 35 ? -18.736 -21.810 -5.321  1.00 81.89  ? 35  TYR A CE2 1 
ATOM   252 C  CZ  . TYR A 1 35 ? -19.394 -21.025 -4.387  1.00 88.61  ? 35  TYR A CZ  1 
ATOM   253 O  OH  . TYR A 1 35 ? -20.639 -20.510 -4.683  1.00 86.68  ? 35  TYR A OH  1 
ATOM   254 N  N   . CYS A 1 36 ? -14.929 -20.581 -6.170  1.00 61.60  ? 36  CYS A N   1 
ATOM   255 C  CA  . CYS A 1 36 ? -14.796 -19.258 -6.745  1.00 68.14  ? 36  CYS A CA  1 
ATOM   256 C  C   . CYS A 1 36 ? -15.067 -18.140 -5.727  1.00 64.80  ? 36  CYS A C   1 
ATOM   257 O  O   . CYS A 1 36 ? -14.290 -17.207 -5.586  1.00 58.88  ? 36  CYS A O   1 
ATOM   258 C  CB  . CYS A 1 36 ? -15.748 -19.124 -7.949  1.00 51.79  ? 36  CYS A CB  1 
ATOM   259 S  SG  . CYS A 1 36 ? -15.372 -20.103 -9.509  1.00 63.39  ? 36  CYS A SG  1 
ATOM   260 N  N   . VAL A 1 37 ? -16.157 -18.236 -4.998  1.00 58.60  ? 37  VAL A N   1 
ATOM   261 C  CA  . VAL A 1 37 ? -16.566 -17.098 -4.203  1.00 61.96  ? 37  VAL A CA  1 
ATOM   262 C  C   . VAL A 1 37 ? -15.594 -16.882 -3.063  1.00 66.85  ? 37  VAL A C   1 
ATOM   263 O  O   . VAL A 1 37 ? -15.219 -15.763 -2.752  1.00 74.22  ? 37  VAL A O   1 
ATOM   264 C  CB  . VAL A 1 37 ? -17.984 -17.322 -3.668  1.00 62.58  ? 37  VAL A CB  1 
ATOM   265 C  CG1 . VAL A 1 37 ? -18.289 -16.391 -2.581  1.00 55.22  ? 37  VAL A CG1 1 
ATOM   266 C  CG2 . VAL A 1 37 ? -18.986 -17.196 -4.799  1.00 48.19  ? 37  VAL A CG2 1 
ATOM   267 N  N   . ASP A 1 38 ? -15.188 -17.974 -2.438  1.00 72.74  ? 38  ASP A N   1 
ATOM   268 C  CA  . ASP A 1 38 ? -14.216 -17.944 -1.351  1.00 74.19  ? 38  ASP A CA  1 
ATOM   269 C  C   . ASP A 1 38 ? -12.875 -17.247 -1.692  1.00 66.96  ? 38  ASP A C   1 
ATOM   270 O  O   . ASP A 1 38 ? -12.409 -16.361 -0.931  1.00 61.08  ? 38  ASP A O   1 
ATOM   271 C  CB  . ASP A 1 38 ? -13.945 -19.375 -0.935  1.00 69.70  ? 38  ASP A CB  1 
ATOM   272 C  CG  . ASP A 1 38 ? -15.211 -20.119 -0.508  1.00 71.90  ? 38  ASP A CG  1 
ATOM   273 O  OD1 . ASP A 1 38 ? -16.183 -19.494 -0.001  1.00 72.59  ? 38  ASP A OD1 1 
ATOM   274 O  OD2 . ASP A 1 38 ? -15.198 -21.360 -0.668  1.00 81.54  ? 38  ASP A OD2 1 
ATOM   275 N  N   . VAL A 1 39 ? -12.272 -17.695 -2.805  1.00 48.05  ? 39  VAL A N   1 
ATOM   276 C  CA  . VAL A 1 39 ? -11.142 -17.056 -3.494  1.00 52.87  ? 39  VAL A CA  1 
ATOM   277 C  C   . VAL A 1 39 ? -11.384 -15.544 -3.763  1.00 70.71  ? 39  VAL A C   1 
ATOM   278 O  O   . VAL A 1 39 ? -10.549 -14.699 -3.445  1.00 53.15  ? 39  VAL A O   1 
ATOM   279 C  CB  . VAL A 1 39 ? -10.852 -17.714 -4.873  1.00 43.72  ? 39  VAL A CB  1 
ATOM   280 C  CG1 . VAL A 1 39 ? -9.765  -16.938 -5.585  1.00 78.14  ? 39  VAL A CG1 1 
ATOM   281 C  CG2 . VAL A 1 39 ? -10.474 -19.200 -4.750  1.00 66.87  ? 39  VAL A CG2 1 
ATOM   282 N  N   . MET A 1 40 ? -12.529 -15.223 -4.365  1.00 65.82  ? 40  MET A N   1 
ATOM   283 C  CA  . MET A 1 40 ? -12.913 -13.850 -4.574  1.00 57.77  ? 40  MET A CA  1 
ATOM   284 C  C   . MET A 1 40 ? -12.891 -13.043 -3.282  1.00 63.13  ? 40  MET A C   1 
ATOM   285 O  O   . MET A 1 40 ? -12.369 -11.943 -3.272  1.00 47.04  ? 40  MET A O   1 
ATOM   286 C  CB  . MET A 1 40 ? -14.262 -13.776 -5.228  1.00 53.49  ? 40  MET A CB  1 
ATOM   287 C  CG  . MET A 1 40 ? -14.183 -14.124 -6.711  1.00 78.11  ? 40  MET A CG  1 
ATOM   288 S  SD  . MET A 1 40 ? -15.840 -14.065 -7.456  1.00 71.37  ? 40  MET A SD  1 
ATOM   289 C  CE  . MET A 1 40 ? -16.472 -12.598 -6.643  1.00 86.91  ? 40  MET A CE  1 
ATOM   290 N  N   . LYS A 1 41 ? -13.429 -13.592 -2.195  1.00 53.25  ? 41  LYS A N   1 
ATOM   291 C  CA  . LYS A 1 41 ? -13.407 -12.899 -0.903  1.00 56.09  ? 41  LYS A CA  1 
ATOM   292 C  C   . LYS A 1 41 ? -12.008 -12.806 -0.260  1.00 69.37  ? 41  LYS A C   1 
ATOM   293 O  O   . LYS A 1 41 ? -11.763 -11.913 0.549   1.00 67.74  ? 41  LYS A O   1 
ATOM   294 C  CB  . LYS A 1 41 ? -14.354 -13.557 0.103   1.00 38.39  ? 41  LYS A CB  1 
ATOM   295 C  CG  . LYS A 1 41 ? -15.572 -14.145 -0.537  1.00 66.48  ? 41  LYS A CG  1 
ATOM   296 C  CD  . LYS A 1 41 ? -16.339 -14.987 0.442   1.00 77.62  ? 41  LYS A CD  1 
ATOM   297 C  CE  . LYS A 1 41 ? -16.399 -14.301 1.798   1.00 75.65  ? 41  LYS A CE  1 
ATOM   298 N  NZ  . LYS A 1 41 ? -17.199 -15.074 2.806   1.00 100.02 ? 41  LYS A NZ  1 
ATOM   299 N  N   . GLN A 1 42 ? -11.099 -13.730 -0.567  1.00 58.83  ? 42  GLN A N   1 
ATOM   300 C  CA  . GLN A 1 42 ? -9.747  -13.599 -0.015  1.00 61.23  ? 42  GLN A CA  1 
ATOM   301 C  C   . GLN A 1 42 ? -9.076  -12.445 -0.718  1.00 63.34  ? 42  GLN A C   1 
ATOM   302 O  O   . GLN A 1 42 ? -8.366  -11.651 -0.120  1.00 61.01  ? 42  GLN A O   1 
ATOM   303 C  CB  . GLN A 1 42 ? -8.900  -14.874 -0.204  1.00 64.37  ? 42  GLN A CB  1 
ATOM   304 C  CG  . GLN A 1 42 ? -9.325  -16.082 0.633   1.00 59.39  ? 42  GLN A CG  1 
ATOM   305 C  CD  . GLN A 1 42 ? -9.948  -15.691 1.968   1.00 71.70  ? 42  GLN A CD  1 
ATOM   306 O  OE1 . GLN A 1 42 ? -11.022 -16.197 2.348   1.00 84.87  ? 42  GLN A OE1 1 
ATOM   307 N  NE2 . GLN A 1 42 ? -9.296  -14.770 2.676   1.00 57.28  ? 42  GLN A NE2 1 
ATOM   308 N  N   . ILE A 1 43 ? -9.330  -12.382 -2.014  1.00 63.53  ? 43  ILE A N   1 
ATOM   309 C  CA  . ILE A 1 43 ? -8.689  -11.445 -2.892  1.00 55.09  ? 43  ILE A CA  1 
ATOM   310 C  C   . ILE A 1 43 ? -9.075  -10.026 -2.489  1.00 65.98  ? 43  ILE A C   1 
ATOM   311 O  O   . ILE A 1 43 ? -8.249  -9.113  -2.401  1.00 60.68  ? 43  ILE A O   1 
ATOM   312 C  CB  . ILE A 1 43 ? -9.052  -11.771 -4.332  1.00 55.64  ? 43  ILE A CB  1 
ATOM   313 C  CG1 . ILE A 1 43 ? -8.228  -12.981 -4.824  1.00 58.79  ? 43  ILE A CG1 1 
ATOM   314 C  CG2 . ILE A 1 43 ? -8.784  -10.586 -5.191  1.00 65.41  ? 43  ILE A CG2 1 
ATOM   315 C  CD1 . ILE A 1 43 ? -8.593  -13.374 -6.213  1.00 62.04  ? 43  ILE A CD1 1 
ATOM   316 N  N   . SER A 1 44 ? -10.343 -9.878  -2.176  1.00 60.85  ? 44  SER A N   1 
ATOM   317 C  CA  . SER A 1 44 ? -10.849 -8.675  -1.601  1.00 54.54  ? 44  SER A CA  1 
ATOM   318 C  C   . SER A 1 44 ? -10.286 -8.341  -0.224  1.00 56.61  ? 44  SER A C   1 
ATOM   319 O  O   . SER A 1 44 ? -10.071 -7.179  0.085   1.00 60.65  ? 44  SER A O   1 
ATOM   320 C  CB  . SER A 1 44 ? -12.364 -8.782  -1.550  1.00 51.93  ? 44  SER A CB  1 
ATOM   321 O  OG  . SER A 1 44 ? -12.801 -8.684  -2.890  1.00 71.89  ? 44  SER A OG  1 
ATOM   322 N  N   . ALA A 1 45 ? -10.101 -9.338  0.623   1.00 52.95  ? 45  ALA A N   1 
ATOM   323 C  CA  . ALA A 1 45 ? -9.444  -9.101  1.894   1.00 56.79  ? 45  ALA A CA  1 
ATOM   324 C  C   . ALA A 1 45 ? -8.023  -8.510  1.662   1.00 67.92  ? 45  ALA A C   1 
ATOM   325 O  O   . ALA A 1 45 ? -7.641  -7.529  2.291   1.00 59.59  ? 45  ALA A O   1 
ATOM   326 C  CB  . ALA A 1 45 ? -9.394  -10.393 2.730   1.00 55.01  ? 45  ALA A CB  1 
ATOM   327 N  N   . VAL A 1 46 ? -7.263  -9.095  0.740   1.00 58.20  ? 46  VAL A N   1 
ATOM   328 C  CA  . VAL A 1 46 ? -5.924  -8.626  0.421   1.00 63.99  ? 46  VAL A CA  1 
ATOM   329 C  C   . VAL A 1 46 ? -5.939  -7.158  -0.043  1.00 69.46  ? 46  VAL A C   1 
ATOM   330 O  O   . VAL A 1 46 ? -5.162  -6.345  0.451   1.00 61.28  ? 46  VAL A O   1 
ATOM   331 C  CB  . VAL A 1 46 ? -5.264  -9.510  -0.669  1.00 54.70  ? 46  VAL A CB  1 
ATOM   332 C  CG1 . VAL A 1 46 ? -4.220  -8.722  -1.415  1.00 59.26  ? 46  VAL A CG1 1 
ATOM   333 C  CG2 . VAL A 1 46 ? -4.689  -10.773 -0.067  1.00 62.99  ? 46  VAL A CG2 1 
ATOM   334 N  N   . GLN A 1 47 ? -6.825  -6.829  -0.986  1.00 64.39  ? 47  GLN A N   1 
ATOM   335 C  CA  . GLN A 1 47 ? -6.951  -5.463  -1.497  1.00 65.33  ? 47  GLN A CA  1 
ATOM   336 C  C   . GLN A 1 47 ? -7.252  -4.438  -0.395  1.00 71.68  ? 47  GLN A C   1 
ATOM   337 O  O   . GLN A 1 47 ? -6.757  -3.301  -0.419  1.00 62.10  ? 47  GLN A O   1 
ATOM   338 C  CB  . GLN A 1 47 ? -8.053  -5.356  -2.564  1.00 65.59  ? 47  GLN A CB  1 
ATOM   339 C  CG  . GLN A 1 47 ? -8.149  -6.561  -3.481  1.00 87.21  ? 47  GLN A CG  1 
ATOM   340 C  CD  . GLN A 1 47 ? -8.911  -6.266  -4.749  1.00 94.83  ? 47  GLN A CD  1 
ATOM   341 O  OE1 . GLN A 1 47 ? -8.540  -5.340  -5.471  1.00 87.54  ? 47  GLN A OE1 1 
ATOM   342 N  NE2 . GLN A 1 47 ? -9.975  -7.057  -5.043  1.00 79.94  ? 47  GLN A NE2 1 
ATOM   343 N  N   . SER A 1 48 ? -8.080  -4.816  0.566   1.00 53.55  ? 48  SER A N   1 
ATOM   344 C  CA  . SER A 1 48 ? -8.387  -3.881  1.637   1.00 69.82  ? 48  SER A CA  1 
ATOM   345 C  C   . SER A 1 48 ? -7.148  -3.542  2.510   1.00 75.66  ? 48  SER A C   1 
ATOM   346 O  O   . SER A 1 48 ? -6.931  -2.365  2.897   1.00 61.82  ? 48  SER A O   1 
ATOM   347 C  CB  . SER A 1 48 ? -9.601  -4.353  2.463   1.00 48.32  ? 48  SER A CB  1 
ATOM   348 O  OG  . SER A 1 48 ? -9.490  -5.721  2.809   1.00 81.59  ? 48  SER A OG  1 
ATOM   349 N  N   . SER A 1 49 ? -6.340  -4.569  2.793   1.00 65.50  ? 49  SER A N   1 
ATOM   350 C  CA  . SER A 1 49 ? -5.097  -4.407  3.537   1.00 62.51  ? 49  SER A CA  1 
ATOM   351 C  C   . SER A 1 49 ? -4.095  -3.531  2.732   1.00 72.87  ? 49  SER A C   1 
ATOM   352 O  O   . SER A 1 49 ? -3.393  -2.665  3.288   1.00 66.92  ? 49  SER A O   1 
ATOM   353 C  CB  . SER A 1 49 ? -4.518  -5.774  3.849   1.00 58.50  ? 49  SER A CB  1 
ATOM   354 O  OG  . SER A 1 49 ? -3.658  -5.705  4.976   1.00 99.93  ? 49  SER A OG  1 
ATOM   355 N  N   . LEU A 1 50 ? -4.064  -3.742  1.416   1.00 54.00  ? 50  LEU A N   1 
ATOM   356 C  CA  . LEU A 1 50 ? -3.290  -2.899  0.514   1.00 56.23  ? 50  LEU A CA  1 
ATOM   357 C  C   . LEU A 1 50 ? -3.716  -1.427  0.613   1.00 73.84  ? 50  LEU A C   1 
ATOM   358 O  O   . LEU A 1 50 ? -2.878  -0.515  0.594   1.00 64.57  ? 50  LEU A O   1 
ATOM   359 C  CB  . LEU A 1 50 ? -3.368  -3.399  -0.951  1.00 44.56  ? 50  LEU A CB  1 
ATOM   360 C  CG  . LEU A 1 50 ? -2.747  -4.766  -1.332  1.00 63.61  ? 50  LEU A CG  1 
ATOM   361 C  CD1 . LEU A 1 50 ? -2.346  -4.870  -2.810  1.00 47.07  ? 50  LEU A CD1 1 
ATOM   362 C  CD2 . LEU A 1 50 ? -1.551  -5.144  -0.411  1.00 59.29  ? 50  LEU A CD2 1 
ATOM   363 N  N   . GLU A 1 51 ? -5.022  -1.198  0.729   1.00 71.68  ? 51  GLU A N   1 
ATOM   364 C  CA  . GLU A 1 51 ? -5.514  0.163   0.786   1.00 75.73  ? 51  GLU A CA  1 
ATOM   365 C  C   . GLU A 1 51 ? -5.053  0.827   2.062   1.00 67.52  ? 51  GLU A C   1 
ATOM   366 O  O   . GLU A 1 51 ? -4.673  1.982   2.038   1.00 60.87  ? 51  GLU A O   1 
ATOM   367 C  CB  . GLU A 1 51 ? -7.038  0.232   0.650   1.00 69.01  ? 51  GLU A CB  1 
ATOM   368 C  CG  . GLU A 1 51 ? -7.523  1.574   0.131   1.00 86.14  ? 51  GLU A CG  1 
ATOM   369 C  CD  . GLU A 1 51 ? -6.759  2.050   -1.123  1.00 118.02 ? 51  GLU A CD  1 
ATOM   370 O  OE1 . GLU A 1 51 ? -5.658  1.496   -1.407  1.00 104.72 ? 51  GLU A OE1 1 
ATOM   371 O  OE2 . GLU A 1 51 ? -7.259  2.982   -1.819  1.00 109.24 ? 51  GLU A OE2 1 
ATOM   372 N  N   . ARG A 1 52 ? -5.079  0.076   3.163   1.00 72.78  ? 52  ARG A N   1 
ATOM   373 C  CA  . ARG A 1 52 ? -4.665  0.592   4.457   1.00 75.07  ? 52  ARG A CA  1 
ATOM   374 C  C   . ARG A 1 52 ? -3.171  0.934   4.475   1.00 81.84  ? 52  ARG A C   1 
ATOM   375 O  O   . ARG A 1 52 ? -2.768  2.002   4.965   1.00 74.12  ? 52  ARG A O   1 
ATOM   376 C  CB  . ARG A 1 52 ? -5.013  -0.372  5.596   1.00 75.01  ? 52  ARG A CB  1 
ATOM   377 C  CG  . ARG A 1 52 ? -4.192  -0.070  6.853   1.00 103.62 ? 52  ARG A CG  1 
ATOM   378 C  CD  . ARG A 1 52 ? -5.016  -0.072  8.151   1.00 122.08 ? 52  ARG A CD  1 
ATOM   379 N  NE  . ARG A 1 52 ? -4.678  1.037   9.068   1.00 126.61 ? 52  ARG A NE  1 
ATOM   380 C  CZ  . ARG A 1 52 ? -3.551  1.158   9.784   1.00 129.11 ? 52  ARG A CZ  1 
ATOM   381 N  NH1 . ARG A 1 52 ? -2.566  0.255   9.711   1.00 116.19 ? 52  ARG A NH1 1 
ATOM   382 N  NH2 . ARG A 1 52 ? -3.401  2.211   10.577  1.00 120.49 ? 52  ARG A NH2 1 
ATOM   383 N  N   . ALA A 1 53 ? -2.365  0.026   3.923   1.00 72.59  ? 53  ALA A N   1 
ATOM   384 C  CA  . ALA A 1 53 ? -0.932  0.221   3.835   1.00 70.40  ? 53  ALA A CA  1 
ATOM   385 C  C   . ALA A 1 53 ? -0.598  1.447   2.968   1.00 68.65  ? 53  ALA A C   1 
ATOM   386 O  O   . ALA A 1 53 ? 0.349   2.203   3.257   1.00 52.75  ? 53  ALA A O   1 
ATOM   387 C  CB  . ALA A 1 53 ? -0.273  -1.039  3.267   1.00 72.90  ? 53  ALA A CB  1 
ATOM   388 N  N   . ASN A 1 54 ? -1.360  1.635   1.897   1.00 50.37  ? 54  ASN A N   1 
ATOM   389 C  CA  . ASN A 1 54 ? -1.050  2.724   0.991   1.00 62.92  ? 54  ASN A CA  1 
ATOM   390 C  C   . ASN A 1 54 ? -1.326  4.052   1.641   1.00 75.37  ? 54  ASN A C   1 
ATOM   391 O  O   . ASN A 1 54 ? -0.778  5.074   1.246   1.00 76.79  ? 54  ASN A O   1 
ATOM   392 C  CB  . ASN A 1 54 ? -1.884  2.671   -0.271  1.00 47.28  ? 54  ASN A CB  1 
ATOM   393 C  CG  . ASN A 1 54 ? -1.056  2.900   -1.503  1.00 66.41  ? 54  ASN A CG  1 
ATOM   394 O  OD1 . ASN A 1 54 ? 0.180   2.999   -1.428  1.00 79.97  ? 54  ASN A OD1 1 
ATOM   395 N  ND2 . ASN A 1 54 ? -1.712  2.962   -2.653  1.00 72.33  ? 54  ASN A ND2 1 
ATOM   396 N  N   . ARG A 1 55 ? -2.202  4.049   2.629   1.00 59.05  ? 55  ARG A N   1 
ATOM   397 C  CA  . ARG A 1 55 ? -2.641  5.312   3.148   1.00 79.18  ? 55  ARG A CA  1 
ATOM   398 C  C   . ARG A 1 55 ? -1.736  5.738   4.314   1.00 78.12  ? 55  ARG A C   1 
ATOM   399 O  O   . ARG A 1 55 ? -1.493  6.942   4.522   1.00 65.14  ? 55  ARG A O   1 
ATOM   400 C  CB  . ARG A 1 55 ? -4.136  5.266   3.482   1.00 73.78  ? 55  ARG A CB  1 
ATOM   401 C  CG  . ARG A 1 55 ? -4.468  5.019   4.912   1.00 80.87  ? 55  ARG A CG  1 
ATOM   402 C  CD  . ARG A 1 55 ? -5.855  5.551   5.239   1.00 108.33 ? 55  ARG A CD  1 
ATOM   403 N  NE  . ARG A 1 55 ? -6.624  4.493   5.889   1.00 138.15 ? 55  ARG A NE  1 
ATOM   404 C  CZ  . ARG A 1 55 ? -7.452  3.660   5.258   1.00 122.64 ? 55  ARG A CZ  1 
ATOM   405 N  NH1 . ARG A 1 55 ? -7.670  3.770   3.947   1.00 109.66 ? 55  ARG A NH1 1 
ATOM   406 N  NH2 . ARG A 1 55 ? -8.080  2.716   5.949   1.00 119.95 ? 55  ARG A NH2 1 
ATOM   407 N  N   . VAL A 1 56 ? -1.227  4.745   5.042   1.00 60.50  ? 56  VAL A N   1 
ATOM   408 C  CA  . VAL A 1 56 ? -0.098  4.963   5.927   1.00 70.76  ? 56  VAL A CA  1 
ATOM   409 C  C   . VAL A 1 56 ? 1.107   5.545   5.148   1.00 70.84  ? 56  VAL A C   1 
ATOM   410 O  O   . VAL A 1 56 ? 1.742   6.499   5.610   1.00 62.85  ? 56  VAL A O   1 
ATOM   411 C  CB  . VAL A 1 56 ? 0.288   3.682   6.617   1.00 67.29  ? 56  VAL A CB  1 
ATOM   412 C  CG1 . VAL A 1 56 ? 1.471   3.934   7.503   1.00 69.83  ? 56  VAL A CG1 1 
ATOM   413 C  CG2 . VAL A 1 56 ? -0.888  3.176   7.418   1.00 66.25  ? 56  VAL A CG2 1 
ATOM   414 N  N   . MET A 1 57 ? 1.378   4.992   3.959   1.00 58.52  ? 57  MET A N   1 
ATOM   415 C  CA  . MET A 1 57 ? 2.415   5.511   3.063   1.00 67.57  ? 57  MET A CA  1 
ATOM   416 C  C   . MET A 1 57 ? 2.232   7.006   2.805   1.00 64.16  ? 57  MET A C   1 
ATOM   417 O  O   . MET A 1 57 ? 3.063   7.817   3.187   1.00 62.24  ? 57  MET A O   1 
ATOM   418 C  CB  . MET A 1 57 ? 2.504   4.722   1.728   1.00 62.52  ? 57  MET A CB  1 
ATOM   419 C  CG  . MET A 1 57 ? 3.267   3.389   1.812   1.00 61.73  ? 57  MET A CG  1 
ATOM   420 S  SD  . MET A 1 57 ? 4.677   3.349   2.983   1.00 70.21  ? 57  MET A SD  1 
ATOM   421 C  CE  . MET A 1 57 ? 5.974   4.135   1.966   1.00 47.87  ? 57  MET A CE  1 
ATOM   422 N  N   . LEU A 1 58 ? 1.140   7.333   2.137   1.00 66.69  ? 58  LEU A N   1 
ATOM   423 C  CA  . LEU A 1 58 ? 0.687   8.686   1.941   1.00 61.92  ? 58  LEU A CA  1 
ATOM   424 C  C   . LEU A 1 58 ? 0.896   9.533   3.176   1.00 72.89  ? 58  LEU A C   1 
ATOM   425 O  O   . LEU A 1 58 ? 1.414   10.685  3.099   1.00 46.47  ? 58  LEU A O   1 
ATOM   426 C  CB  . LEU A 1 58 ? -0.804  8.662   1.681   1.00 61.35  ? 58  LEU A CB  1 
ATOM   427 C  CG  . LEU A 1 58 ? -1.408  9.927   1.078   1.00 60.80  ? 58  LEU A CG  1 
ATOM   428 C  CD1 . LEU A 1 58 ? -0.363  10.933  0.566   1.00 56.89  ? 58  LEU A CD1 1 
ATOM   429 C  CD2 . LEU A 1 58 ? -2.305  9.469   -0.067  1.00 78.74  ? 58  LEU A CD2 1 
ATOM   430 N  N   . HIS A 1 59 ? 0.467   8.975   4.306   1.00 48.24  ? 59  HIS A N   1 
ATOM   431 C  CA  . HIS A 1 59 ? 0.510   9.747   5.515   1.00 53.63  ? 59  HIS A CA  1 
ATOM   432 C  C   . HIS A 1 59 ? 1.952   10.031  5.909   1.00 69.61  ? 59  HIS A C   1 
ATOM   433 O  O   . HIS A 1 59 ? 2.338   11.208  6.069   1.00 63.50  ? 59  HIS A O   1 
ATOM   434 C  CB  . HIS A 1 59 ? -0.297  9.113   6.624   1.00 56.25  ? 59  HIS A CB  1 
ATOM   435 C  CG  . HIS A 1 59 ? -0.297  9.926   7.874   1.00 76.12  ? 59  HIS A CG  1 
ATOM   436 N  ND1 . HIS A 1 59 ? -0.944  9.526   9.025   1.00 84.61  ? 59  HIS A ND1 1 
ATOM   437 C  CD2 . HIS A 1 59 ? 0.298   11.101  8.163   1.00 70.88  ? 59  HIS A CD2 1 
ATOM   438 C  CE1 . HIS A 1 59 ? -0.762  10.436  9.964   1.00 72.32  ? 59  HIS A CE1 1 
ATOM   439 N  NE2 . HIS A 1 59 ? -0.005  11.399  9.471   1.00 86.25  ? 59  HIS A NE2 1 
ATOM   440 N  N   . ASN A 1 60 ? 2.755   8.973   6.017   1.00 64.20  ? 60  ASN A N   1 
ATOM   441 C  CA  . ASN A 1 60 ? 4.201   9.154   6.081   1.00 63.99  ? 60  ASN A CA  1 
ATOM   442 C  C   . ASN A 1 60 ? 4.781   10.177  5.084   1.00 61.25  ? 60  ASN A C   1 
ATOM   443 O  O   . ASN A 1 60 ? 5.438   11.123  5.478   1.00 65.14  ? 60  ASN A O   1 
ATOM   444 C  CB  . ASN A 1 60 ? 4.967   7.863   5.879   1.00 70.02  ? 60  ASN A CB  1 
ATOM   445 C  CG  . ASN A 1 60 ? 6.458   8.091   6.024   1.00 74.01  ? 60  ASN A CG  1 
ATOM   446 O  OD1 . ASN A 1 60 ? 6.925   8.322   7.132   1.00 71.30  ? 60  ASN A OD1 1 
ATOM   447 N  ND2 . ASN A 1 60 ? 7.195   8.111   4.909   1.00 47.86  ? 60  ASN A ND2 1 
ATOM   448 N  N   . HIS A 1 61 ? 4.584   9.944   3.797   1.00 45.54  ? 61  HIS A N   1 
ATOM   449 C  CA  . HIS A 1 61 ? 4.997   10.887  2.775   1.00 61.00  ? 61  HIS A CA  1 
ATOM   450 C  C   . HIS A 1 61 ? 4.615   12.345  3.064   1.00 73.34  ? 61  HIS A C   1 
ATOM   451 O  O   . HIS A 1 61 ? 5.459   13.242  2.986   1.00 68.32  ? 61  HIS A O   1 
ATOM   452 C  CB  . HIS A 1 61 ? 4.388   10.509  1.435   1.00 49.06  ? 61  HIS A CB  1 
ATOM   453 C  CG  . HIS A 1 61 ? 4.829   11.381  0.296   1.00 49.81  ? 61  HIS A CG  1 
ATOM   454 N  ND1 . HIS A 1 61 ? 6.148   11.488  -0.096  1.00 76.28  ? 61  HIS A ND1 1 
ATOM   455 C  CD2 . HIS A 1 61 ? 4.121   12.129  -0.583  1.00 80.73  ? 61  HIS A CD2 1 
ATOM   456 C  CE1 . HIS A 1 61 ? 6.239   12.284  -1.147  1.00 68.90  ? 61  HIS A CE1 1 
ATOM   457 N  NE2 . HIS A 1 61 ? 5.022   12.681  -1.468  1.00 84.41  ? 61  HIS A NE2 1 
ATOM   458 N  N   . LEU A 1 62 ? 3.350   12.606  3.367   1.00 65.92  ? 62  LEU A N   1 
ATOM   459 C  CA  . LEU A 1 62 ? 2.970   13.993  3.630   1.00 74.32  ? 62  LEU A CA  1 
ATOM   460 C  C   . LEU A 1 62 ? 3.795   14.695  4.728   1.00 80.14  ? 62  LEU A C   1 
ATOM   461 O  O   . LEU A 1 62 ? 4.335   15.767  4.469   1.00 68.80  ? 62  LEU A O   1 
ATOM   462 C  CB  . LEU A 1 62 ? 1.492   14.122  3.904   1.00 52.55  ? 62  LEU A CB  1 
ATOM   463 C  CG  . LEU A 1 62 ? 0.706   13.760  2.649   1.00 61.13  ? 62  LEU A CG  1 
ATOM   464 C  CD1 . LEU A 1 62 ? -0.744  13.449  3.072   1.00 38.48  ? 62  LEU A CD1 1 
ATOM   465 C  CD2 . LEU A 1 62 ? 0.818   14.831  1.531   1.00 36.91  ? 62  LEU A CD2 1 
ATOM   466 N  N   . GLU A 1 63 ? 3.906   14.112  5.928   1.00 68.90  ? 63  GLU A N   1 
ATOM   467 C  CA  . GLU A 1 63 ? 4.711   14.746  6.982   1.00 70.36  ? 63  GLU A CA  1 
ATOM   468 C  C   . GLU A 1 63 ? 6.223   14.743  6.694   1.00 81.06  ? 63  GLU A C   1 
ATOM   469 O  O   . GLU A 1 63 ? 6.998   15.536  7.259   1.00 87.28  ? 63  GLU A O   1 
ATOM   470 C  CB  . GLU A 1 63 ? 4.496   14.063  8.315   1.00 61.30  ? 63  GLU A CB  1 
ATOM   471 C  CG  . GLU A 1 63 ? 3.335   13.150  8.383   1.00 62.22  ? 63  GLU A CG  1 
ATOM   472 C  CD  . GLU A 1 63 ? 3.674   11.984  9.268   1.00 87.31  ? 63  GLU A CD  1 
ATOM   473 O  OE1 . GLU A 1 63 ? 3.085   11.844  10.365  1.00 78.04  ? 63  GLU A OE1 1 
ATOM   474 O  OE2 . GLU A 1 63 ? 4.584   11.224  8.871   1.00 98.09  ? 63  GLU A OE2 1 
ATOM   475 N  N   . THR A 1 64 ? 6.614   13.850  5.797   1.00 75.25  ? 64  THR A N   1 
ATOM   476 C  CA  . THR A 1 64 ? 7.998   13.496  5.534   1.00 67.00  ? 64  THR A CA  1 
ATOM   477 C  C   . THR A 1 64 ? 8.434   14.262  4.305   1.00 66.90  ? 64  THR A C   1 
ATOM   478 O  O   . THR A 1 64 ? 8.468   15.491  4.341   1.00 68.67  ? 64  THR A O   1 
ATOM   479 C  CB  . THR A 1 64 ? 8.103   11.931  5.461   1.00 65.13  ? 64  THR A CB  1 
ATOM   480 O  OG1 . THR A 1 64 ? 8.417   11.452  6.775   1.00 64.95  ? 64  THR A OG1 1 
ATOM   481 C  CG2 . THR A 1 64 ? 9.092   11.374  4.427   1.00 75.84  ? 64  THR A CG2 1 
ATOM   482 N  N   . CYS A 1 65 ? 8.691   13.559  3.210   1.00 73.48  ? 65  CYS A N   1 
ATOM   483 C  CA  . CYS A 1 65 ? 9.252   14.152  1.998   1.00 70.70  ? 65  CYS A CA  1 
ATOM   484 C  C   . CYS A 1 65 ? 8.409   15.286  1.451   1.00 78.18  ? 65  CYS A C   1 
ATOM   485 O  O   . CYS A 1 65 ? 8.956   16.225  0.830   1.00 72.62  ? 65  CYS A O   1 
ATOM   486 C  CB  . CYS A 1 65 ? 9.399   13.099  0.877   1.00 73.67  ? 65  CYS A CB  1 
ATOM   487 S  SG  . CYS A 1 65 ? 10.375  11.614  1.256   1.00 99.78  ? 65  CYS A SG  1 
ATOM   488 N  N   . PHE A 1 66 ? 7.082   15.160  1.637   1.00 77.86  ? 66  PHE A N   1 
ATOM   489 C  CA  . PHE A 1 66 ? 6.115   16.091  1.032   1.00 85.56  ? 66  PHE A CA  1 
ATOM   490 C  C   . PHE A 1 66 ? 6.255   17.486  1.648   1.00 78.45  ? 66  PHE A C   1 
ATOM   491 O  O   . PHE A 1 66 ? 6.387   18.476  0.910   1.00 46.53  ? 66  PHE A O   1 
ATOM   492 C  CB  . PHE A 1 66 ? 4.615   15.615  1.053   1.00 66.21  ? 66  PHE A CB  1 
ATOM   493 C  CG  . PHE A 1 66 ? 3.681   16.529  0.233   1.00 64.34  ? 66  PHE A CG  1 
ATOM   494 C  CD1 . PHE A 1 66 ? 3.702   16.501  -1.163  1.00 68.37  ? 66  PHE A CD1 1 
ATOM   495 C  CD2 . PHE A 1 66 ? 2.869   17.480  0.854   1.00 67.48  ? 66  PHE A CD2 1 
ATOM   496 C  CE1 . PHE A 1 66 ? 2.895   17.359  -1.923  1.00 77.51  ? 66  PHE A CE1 1 
ATOM   497 C  CE2 . PHE A 1 66 ? 2.061   18.337  0.100   1.00 60.34  ? 66  PHE A CE2 1 
ATOM   498 C  CZ  . PHE A 1 66 ? 2.078   18.271  -1.291  1.00 67.73  ? 66  PHE A CZ  1 
ATOM   499 N  N   . SER A 1 67 ? 6.211   17.531  2.982   1.00 66.10  ? 67  SER A N   1 
ATOM   500 C  CA  . SER A 1 67 ? 6.282   18.759  3.757   1.00 67.83  ? 67  SER A CA  1 
ATOM   501 C  C   . SER A 1 67 ? 7.569   19.520  3.431   1.00 93.68  ? 67  SER A C   1 
ATOM   502 O  O   . SER A 1 67 ? 7.529   20.629  2.870   1.00 91.14  ? 67  SER A O   1 
ATOM   503 C  CB  . SER A 1 67 ? 6.245   18.419  5.246   1.00 63.36  ? 67  SER A CB  1 
ATOM   504 O  OG  . SER A 1 67 ? 4.923   18.479  5.718   1.00 71.14  ? 67  SER A OG  1 
ATOM   505 N  N   . THR A 1 68 ? 8.700   18.895  3.776   1.00 94.19  ? 68  THR A N   1 
ATOM   506 C  CA  . THR A 1 68 ? 10.040  19.402  3.474   1.00 91.48  ? 68  THR A CA  1 
ATOM   507 C  C   . THR A 1 68 ? 10.340  19.595  1.956   1.00 97.99  ? 68  THR A C   1 
ATOM   508 O  O   . THR A 1 68 ? 11.507  19.725  1.542   1.00 111.17 ? 68  THR A O   1 
ATOM   509 C  CB  . THR A 1 68 ? 11.151  18.546  4.201   1.00 93.07  ? 68  THR A CB  1 
ATOM   510 O  OG1 . THR A 1 68 ? 11.820  17.673  3.274   1.00 69.15  ? 68  THR A OG1 1 
ATOM   511 C  CG2 . THR A 1 68 ? 10.557  17.750  5.374   1.00 66.25  ? 68  THR A CG2 1 
ATOM   512 N  N   . ALA A 1 69 ? 9.290   19.572  1.135   1.00 76.53  ? 69  ALA A N   1 
ATOM   513 C  CA  . ALA A 1 69 ? 9.284   20.363  -0.080  1.00 87.12  ? 69  ALA A CA  1 
ATOM   514 C  C   . ALA A 1 69 ? 8.575   21.660  0.380   1.00 99.78  ? 69  ALA A C   1 
ATOM   515 O  O   . ALA A 1 69 ? 7.520   22.063  -0.128  1.00 99.24  ? 69  ALA A O   1 
ATOM   516 C  CB  . ALA A 1 69 ? 8.596   19.637  -1.247  1.00 77.59  ? 69  ALA A CB  1 
ATOM   517 N  N   . VAL A 1 70 ? 9.180   22.224  1.438   1.00 110.69 ? 70  VAL A N   1 
ATOM   518 C  CA  . VAL A 1 70 ? 8.986   23.574  1.988   1.00 103.04 ? 70  VAL A CA  1 
ATOM   519 C  C   . VAL A 1 70 ? 9.977   24.460  1.236   1.00 111.99 ? 70  VAL A C   1 
ATOM   520 O  O   . VAL A 1 70 ? 9.624   25.388  0.517   1.00 117.49 ? 70  VAL A O   1 
ATOM   521 C  CB  . VAL A 1 70 ? 9.447   23.647  3.502   1.00 65.08  ? 70  VAL A CB  1 
ATOM   522 C  CG1 . VAL A 1 70 ? 10.097  24.955  3.809   1.00 94.59  ? 70  VAL A CG1 1 
ATOM   523 C  CG2 . VAL A 1 70 ? 8.339   23.404  4.490   1.00 48.43  ? 70  VAL A CG2 1 
ATOM   524 N  N   . LEU A 1 71 ? 11.249  24.149  1.425   1.00 118.71 ? 71  LEU A N   1 
ATOM   525 C  CA  . LEU A 1 71 ? 12.328  24.882  0.803   1.00 133.71 ? 71  LEU A CA  1 
ATOM   526 C  C   . LEU A 1 71 ? 12.333  24.552  -0.686  1.00 134.23 ? 71  LEU A C   1 
ATOM   527 O  O   . LEU A 1 71 ? 11.936  23.463  -1.062  1.00 129.74 ? 71  LEU A O   1 
ATOM   528 C  CB  . LEU A 1 71 ? 13.652  24.486  1.480   1.00 127.90 ? 71  LEU A CB  1 
ATOM   529 C  CG  . LEU A 1 71 ? 13.801  23.057  2.044   1.00 102.70 ? 71  LEU A CG  1 
ATOM   530 C  CD1 . LEU A 1 71 ? 13.154  22.870  3.414   1.00 75.12  ? 71  LEU A CD1 1 
ATOM   531 C  CD2 . LEU A 1 71 ? 13.298  22.001  1.067   1.00 105.02 ? 71  LEU A CD2 1 
ATOM   532 N  N   . ASP A 1 72 ? 12.734  25.511  -1.519  1.00 154.52 ? 72  ASP A N   1 
ATOM   533 C  CA  . ASP A 1 72 ? 13.043  25.301  -2.958  1.00 155.25 ? 72  ASP A CA  1 
ATOM   534 C  C   . ASP A 1 72 ? 11.899  24.993  -3.965  1.00 146.74 ? 72  ASP A C   1 
ATOM   535 O  O   . ASP A 1 72 ? 10.796  25.521  -3.837  1.00 138.86 ? 72  ASP A O   1 
ATOM   536 C  CB  . ASP A 1 72 ? 14.280  24.385  -3.159  1.00 153.06 ? 72  ASP A CB  1 
ATOM   537 C  CG  . ASP A 1 72 ? 13.945  22.879  -3.197  1.00 161.06 ? 72  ASP A CG  1 
ATOM   538 O  OD1 . ASP A 1 72 ? 13.695  22.287  -2.118  1.00 152.96 ? 72  ASP A OD1 1 
ATOM   539 O  OD2 . ASP A 1 72 ? 13.991  22.276  -4.305  1.00 157.18 ? 72  ASP A OD2 1 
ATOM   540 N  N   . GLY A 1 73 ? 12.193  24.181  -4.986  1.00 152.77 ? 73  GLY A N   1 
ATOM   541 C  CA  . GLY A 1 73 ? 11.261  23.893  -6.073  1.00 157.06 ? 73  GLY A CA  1 
ATOM   542 C  C   . GLY A 1 73 ? 10.052  23.044  -5.702  1.00 143.97 ? 73  GLY A C   1 
ATOM   543 O  O   . GLY A 1 73 ? 9.094   22.930  -6.483  1.00 142.86 ? 73  GLY A O   1 
ATOM   544 N  N   . HIS A 1 74 ? 10.133  22.445  -4.513  1.00 135.18 ? 74  HIS A N   1 
ATOM   545 C  CA  . HIS A 1 74 ? 9.051   21.714  -3.848  1.00 113.59 ? 74  HIS A CA  1 
ATOM   546 C  C   . HIS A 1 74 ? 7.675   21.847  -4.491  1.00 130.13 ? 74  HIS A C   1 
ATOM   547 O  O   . HIS A 1 74 ? 7.427   21.300  -5.578  1.00 118.84 ? 74  HIS A O   1 
ATOM   548 C  CB  . HIS A 1 74 ? 8.964   22.174  -2.394  1.00 108.58 ? 74  HIS A CB  1 
ATOM   549 C  CG  . HIS A 1 74 ? 8.782   23.656  -2.219  1.00 141.64 ? 74  HIS A CG  1 
ATOM   550 N  ND1 . HIS A 1 74 ? 9.834   24.510  -1.929  1.00 135.44 ? 74  HIS A ND1 1 
ATOM   551 C  CD2 . HIS A 1 74 ? 7.676   24.437  -2.270  1.00 136.58 ? 74  HIS A CD2 1 
ATOM   552 C  CE1 . HIS A 1 74 ? 9.380   25.750  -1.831  1.00 135.91 ? 74  HIS A CE1 1 
ATOM   553 N  NE2 . HIS A 1 74 ? 8.074   25.730  -2.032  1.00 154.21 ? 74  HIS A NE2 1 
ATOM   554 N  N   . GLY A 1 75 ? 6.794   22.559  -3.781  1.00 124.27 ? 75  GLY A N   1 
ATOM   555 C  CA  . GLY A 1 75 ? 5.485   22.952  -4.261  1.00 101.24 ? 75  GLY A CA  1 
ATOM   556 C  C   . GLY A 1 75 ? 4.971   22.136  -5.430  1.00 101.26 ? 75  GLY A C   1 
ATOM   557 O  O   . GLY A 1 75 ? 4.690   20.938  -5.297  1.00 72.03  ? 75  GLY A O   1 
ATOM   558 N  N   . GLN A 1 76 ? 4.889   22.789  -6.589  1.00 109.05 ? 76  GLN A N   1 
ATOM   559 C  CA  . GLN A 1 76 ? 4.165   22.270  -7.754  1.00 107.88 ? 76  GLN A CA  1 
ATOM   560 C  C   . GLN A 1 76 ? 4.579   20.857  -8.171  1.00 103.71 ? 76  GLN A C   1 
ATOM   561 O  O   . GLN A 1 76 ? 3.728   20.004  -8.480  1.00 83.80  ? 76  GLN A O   1 
ATOM   562 C  CB  . GLN A 1 76 ? 4.289   23.251  -8.937  1.00 114.61 ? 76  GLN A CB  1 
ATOM   563 C  CG  . GLN A 1 76 ? 3.029   23.352  -9.821  1.00 131.14 ? 76  GLN A CG  1 
ATOM   564 C  CD  . GLN A 1 76 ? 1.724   23.390  -9.009  1.00 115.30 ? 76  GLN A CD  1 
ATOM   565 O  OE1 . GLN A 1 76 ? 1.552   24.223  -8.104  1.00 92.44  ? 76  GLN A OE1 1 
ATOM   566 N  NE2 . GLN A 1 76 ? 0.803   22.478  -9.333  1.00 92.08  ? 76  GLN A NE2 1 
ATOM   567 N  N   . ALA A 1 77 ? 5.890   20.621  -8.161  1.00 108.14 ? 77  ALA A N   1 
ATOM   568 C  CA  . ALA A 1 77 ? 6.457   19.348  -8.574  1.00 95.57  ? 77  ALA A CA  1 
ATOM   569 C  C   . ALA A 1 77 ? 6.082   18.178  -7.646  1.00 92.45  ? 77  ALA A C   1 
ATOM   570 O  O   . ALA A 1 77 ? 5.719   17.097  -8.129  1.00 81.15  ? 77  ALA A O   1 
ATOM   571 C  CB  . ALA A 1 77 ? 7.964   19.480  -8.699  1.00 107.86 ? 77  ALA A CB  1 
ATOM   572 N  N   . ALA A 1 78 ? 6.189   18.394  -6.329  1.00 80.96  ? 78  ALA A N   1 
ATOM   573 C  CA  . ALA A 1 78 ? 5.855   17.377  -5.324  1.00 74.10  ? 78  ALA A CA  1 
ATOM   574 C  C   . ALA A 1 78 ? 4.376   16.989  -5.403  1.00 88.86  ? 78  ALA A C   1 
ATOM   575 O  O   . ALA A 1 78 ? 4.016   15.805  -5.372  1.00 80.42  ? 78  ALA A O   1 
ATOM   576 C  CB  . ALA A 1 78 ? 6.179   17.890  -3.929  1.00 61.65  ? 78  ALA A CB  1 
ATOM   577 N  N   . ILE A 1 79 ? 3.542   18.024  -5.476  1.00 93.41  ? 79  ILE A N   1 
ATOM   578 C  CA  . ILE A 1 79 ? 2.111   17.923  -5.686  1.00 83.71  ? 79  ILE A CA  1 
ATOM   579 C  C   . ILE A 1 79 ? 1.826   17.213  -6.991  1.00 84.42  ? 79  ILE A C   1 
ATOM   580 O  O   . ILE A 1 79 ? 1.098   16.224  -7.019  1.00 87.28  ? 79  ILE A O   1 
ATOM   581 C  CB  . ILE A 1 79 ? 1.480   19.342  -5.771  1.00 87.39  ? 79  ILE A CB  1 
ATOM   582 C  CG1 . ILE A 1 79 ? 1.318   19.952  -4.383  1.00 77.08  ? 79  ILE A CG1 1 
ATOM   583 C  CG2 . ILE A 1 79 ? 0.123   19.326  -6.466  1.00 75.97  ? 79  ILE A CG2 1 
ATOM   584 C  CD1 . ILE A 1 79 ? 1.223   21.473  -4.425  1.00 69.77  ? 79  ILE A CD1 1 
ATOM   585 N  N   . GLU A 1 80 ? 2.399   17.720  -8.075  1.00 83.40  ? 80  GLU A N   1 
ATOM   586 C  CA  . GLU A 1 80 ? 2.006   17.271  -9.409  1.00 93.44  ? 80  GLU A CA  1 
ATOM   587 C  C   . GLU A 1 80 ? 2.203   15.768  -9.549  1.00 84.21  ? 80  GLU A C   1 
ATOM   588 O  O   . GLU A 1 80 ? 1.380   15.075  -10.147 1.00 96.85  ? 80  GLU A O   1 
ATOM   589 C  CB  . GLU A 1 80 ? 2.787   18.037  -10.490 1.00 106.35 ? 80  GLU A CB  1 
ATOM   590 C  CG  . GLU A 1 80 ? 1.972   18.411  -11.757 1.00 122.28 ? 80  GLU A CG  1 
ATOM   591 C  CD  . GLU A 1 80 ? 1.471   19.867  -11.774 1.00 133.07 ? 80  GLU A CD  1 
ATOM   592 O  OE1 . GLU A 1 80 ? 0.741   20.243  -12.723 1.00 140.17 ? 80  GLU A OE1 1 
ATOM   593 O  OE2 . GLU A 1 80 ? 1.811   20.637  -10.847 1.00 127.07 ? 80  GLU A OE2 1 
ATOM   594 N  N   . GLU A 1 81 ? 3.286   15.269  -8.958  1.00 85.71  ? 81  GLU A N   1 
ATOM   595 C  CA  . GLU A 1 81 ? 3.658   13.853  -9.035  1.00 98.27  ? 81  GLU A CA  1 
ATOM   596 C  C   . GLU A 1 81 ? 3.005   13.022  -7.936  1.00 89.26  ? 81  GLU A C   1 
ATOM   597 O  O   . GLU A 1 81 ? 2.818   11.817  -8.067  1.00 95.09  ? 81  GLU A O   1 
ATOM   598 C  CB  . GLU A 1 81 ? 5.174   13.699  -8.920  1.00 106.53 ? 81  GLU A CB  1 
ATOM   599 C  CG  . GLU A 1 81 ? 5.712   14.162  -7.569  1.00 107.89 ? 81  GLU A CG  1 
ATOM   600 C  CD  . GLU A 1 81 ? 6.716   13.192  -6.981  1.00 98.67  ? 81  GLU A CD  1 
ATOM   601 O  OE1 . GLU A 1 81 ? 6.746   13.071  -5.737  1.00 93.10  ? 81  GLU A OE1 1 
ATOM   602 O  OE2 . GLU A 1 81 ? 7.456   12.545  -7.763  1.00 73.08  ? 81  GLU A OE2 1 
ATOM   603 N  N   . LEU A 1 82 ? 2.700   13.675  -6.830  1.00 88.35  ? 82  LEU A N   1 
ATOM   604 C  CA  . LEU A 1 82 ? 1.864   13.086  -5.812  1.00 86.70  ? 82  LEU A CA  1 
ATOM   605 C  C   . LEU A 1 82 ? 0.532   12.690  -6.463  1.00 98.04  ? 82  LEU A C   1 
ATOM   606 O  O   . LEU A 1 82 ? -0.040  11.648  -6.130  1.00 89.22  ? 82  LEU A O   1 
ATOM   607 C  CB  . LEU A 1 82 ? 1.680   14.079  -4.654  1.00 69.77  ? 82  LEU A CB  1 
ATOM   608 C  CG  . LEU A 1 82 ? 0.937   13.690  -3.366  1.00 61.40  ? 82  LEU A CG  1 
ATOM   609 C  CD1 . LEU A 1 82 ? 0.474   12.239  -3.390  1.00 51.26  ? 82  LEU A CD1 1 
ATOM   610 C  CD2 . LEU A 1 82 ? 1.727   13.972  -2.073  1.00 72.25  ? 82  LEU A CD2 1 
ATOM   611 N  N   . ILE A 1 83 ? 0.071   13.488  -7.428  1.00 88.47  ? 83  ILE A N   1 
ATOM   612 C  CA  . ILE A 1 83 ? -1.250  13.277  -8.026  1.00 93.20  ? 83  ILE A CA  1 
ATOM   613 C  C   . ILE A 1 83 ? -1.362  11.971  -8.841  1.00 106.72 ? 83  ILE A C   1 
ATOM   614 O  O   . ILE A 1 83 ? -2.416  11.324  -8.848  1.00 107.89 ? 83  ILE A O   1 
ATOM   615 C  CB  . ILE A 1 83 ? -1.760  14.545  -8.817  1.00 105.85 ? 83  ILE A CB  1 
ATOM   616 C  CG1 . ILE A 1 83 ? -2.044  15.736  -7.867  1.00 71.74  ? 83  ILE A CG1 1 
ATOM   617 C  CG2 . ILE A 1 83 ? -3.009  14.217  -9.657  1.00 98.86  ? 83  ILE A CG2 1 
ATOM   618 C  CD1 . ILE A 1 83 ? -3.445  15.716  -7.111  1.00 53.70  ? 83  ILE A CD1 1 
ATOM   619 N  N   . ASP A 1 84 ? -0.279  11.563  -9.500  1.00 110.70 ? 84  ASP A N   1 
ATOM   620 C  CA  . ASP A 1 84 ? -0.289  10.292  -10.234 1.00 109.02 ? 84  ASP A CA  1 
ATOM   621 C  C   . ASP A 1 84 ? -0.406  9.083   -9.320  1.00 113.33 ? 84  ASP A C   1 
ATOM   622 O  O   . ASP A 1 84 ? -0.949  8.056   -9.707  1.00 119.97 ? 84  ASP A O   1 
ATOM   623 C  CB  . ASP A 1 84 ? 0.966   10.131  -11.079 1.00 112.73 ? 84  ASP A CB  1 
ATOM   624 C  CG  . ASP A 1 84 ? 0.903   10.913  -12.361 1.00 134.95 ? 84  ASP A CG  1 
ATOM   625 O  OD1 . ASP A 1 84 ? 0.648   12.137  -12.281 1.00 130.42 ? 84  ASP A OD1 1 
ATOM   626 O  OD2 . ASP A 1 84 ? 1.118   10.306  -13.438 1.00 143.78 ? 84  ASP A OD2 1 
ATOM   627 N  N   . ALA A 1 85 ? 0.126   9.205   -8.110  1.00 113.74 ? 85  ALA A N   1 
ATOM   628 C  CA  . ALA A 1 85 ? 0.154   8.095   -7.163  1.00 112.43 ? 85  ALA A CA  1 
ATOM   629 C  C   . ALA A 1 85 ? -1.175  7.918   -6.424  1.00 116.09 ? 85  ALA A C   1 
ATOM   630 O  O   . ALA A 1 85 ? -1.307  7.032   -5.570  1.00 107.27 ? 85  ALA A O   1 
ATOM   631 C  CB  . ALA A 1 85 ? 1.287   8.285   -6.169  1.00 95.71  ? 85  ALA A CB  1 
ATOM   632 N  N   . VAL A 1 86 ? -2.146  8.778   -6.730  1.00 109.50 ? 86  VAL A N   1 
ATOM   633 C  CA  . VAL A 1 86 ? -3.486  8.611   -6.182  1.00 124.16 ? 86  VAL A CA  1 
ATOM   634 C  C   . VAL A 1 86 ? -4.297  7.778   -7.178  1.00 145.77 ? 86  VAL A C   1 
ATOM   635 O  O   . VAL A 1 86 ? -5.006  6.835   -6.782  1.00 145.95 ? 86  VAL A O   1 
ATOM   636 C  CB  . VAL A 1 86 ? -4.174  9.958   -5.860  1.00 115.47 ? 86  VAL A CB  1 
ATOM   637 C  CG1 . VAL A 1 86 ? -4.377  10.780  -7.119  1.00 108.19 ? 86  VAL A CG1 1 
ATOM   638 C  CG2 . VAL A 1 86 ? -5.510  9.718   -5.127  1.00 133.91 ? 86  VAL A CG2 1 
ATOM   639 N  N   . LYS A 1 87 ? -4.175  8.131   -8.464  1.00 133.62 ? 87  LYS A N   1 
ATOM   640 C  CA  . LYS A 1 87 ? -4.554  7.240   -9.563  1.00 135.04 ? 87  LYS A CA  1 
ATOM   641 C  C   . LYS A 1 87 ? -3.839  7.617   -10.871 1.00 135.44 ? 87  LYS A C   1 
ATOM   642 O  O   . LYS A 1 87 ? -4.000  8.738   -11.382 1.00 121.69 ? 87  LYS A O   1 
ATOM   643 C  CB  . LYS A 1 87 ? -6.083  7.164   -9.764  1.00 142.64 ? 87  LYS A CB  1 
ATOM   644 C  CG  . LYS A 1 87 ? -6.888  6.331   -8.712  1.00 140.04 ? 87  LYS A CG  1 
ATOM   645 C  CD  . LYS A 1 87 ? -6.439  4.874   -8.566  1.00 132.67 ? 87  LYS A CD  1 
ATOM   646 C  CE  . LYS A 1 87 ? -6.689  4.078   -9.840  1.00 138.23 ? 87  LYS A CE  1 
ATOM   647 N  NZ  . LYS A 1 87 ? -5.573  4.189   -10.829 1.00 126.89 ? 87  LYS A NZ  1 
ATOM   648 N  N   . PHE A 1 88 ? -3.014  6.677   -11.357 1.00 145.03 ? 88  PHE A N   1 
ATOM   649 C  CA  . PHE A 1 88 ? -2.442  6.689   -12.717 1.00 141.20 ? 88  PHE A CA  1 
ATOM   650 C  C   . PHE A 1 88 ? -2.415  5.273   -13.310 1.00 138.21 ? 88  PHE A C   1 
ATOM   651 O  O   . PHE A 1 88 ? -2.805  4.301   -12.659 1.00 132.83 ? 88  PHE A O   1 
ATOM   652 C  CB  . PHE A 1 88 ? -1.072  7.448   -12.813 1.00 147.61 ? 88  PHE A CB  1 
ATOM   653 C  CG  . PHE A 1 88 ? 0.200   6.562   -12.967 1.00 155.99 ? 88  PHE A CG  1 
ATOM   654 C  CD1 . PHE A 1 88 ? 1.410   6.982   -12.404 1.00 145.86 ? 88  PHE A CD1 1 
ATOM   655 C  CD2 . PHE A 1 88 ? 0.216   5.374   -13.703 1.00 157.98 ? 88  PHE A CD2 1 
ATOM   656 C  CE1 . PHE A 1 88 ? 2.586   6.227   -12.544 1.00 124.06 ? 88  PHE A CE1 1 
ATOM   657 C  CE2 . PHE A 1 88 ? 1.394   4.610   -13.837 1.00 147.14 ? 88  PHE A CE2 1 
ATOM   658 C  CZ  . PHE A 1 88 ? 2.576   5.043   -13.254 1.00 137.72 ? 88  PHE A CZ  1 
HETATM 659 CU CU  . CU1 B 2 .  ? -17.909 -20.683 -8.922  0.50 60.44  ? 120 CU1 A CU  1 
HETATM 660 O  O   . HOH C 3 .  ? -1.303  6.872   9.384   1.00 77.87  ? 121 HOH A O   1 
HETATM 661 O  O   . HOH C 3 .  ? -2.793  7.117   -3.180  1.00 90.72  ? 122 HOH A O   1 
HETATM 662 O  O   . HOH C 3 .  ? 3.956   -16.340 4.541   1.00 80.69  ? 123 HOH A O   1 
HETATM 663 O  O   . HOH C 3 .  ? -9.048  -13.258 4.901   1.00 58.30  ? 124 HOH A O   1 
HETATM 664 O  O   . HOH C 3 .  ? -15.157 -17.547 1.900   1.00 64.74  ? 125 HOH A O   1 
HETATM 665 O  O   . HOH C 3 .  ? 19.564  4.087   7.093   1.00 87.71  ? 126 HOH A O   1 
HETATM 666 O  O   . HOH C 3 .  ? 4.731   -9.158  9.340   1.00 65.19  ? 127 HOH A O   1 
HETATM 667 O  O   . HOH C 3 .  ? -1.493  -9.418  12.547  1.00 72.87  ? 128 HOH A O   1 
HETATM 668 O  O   . HOH C 3 .  ? -6.854  6.942   -12.767 1.00 89.44  ? 129 HOH A O   1 
HETATM 669 O  O   . HOH C 3 .  ? 9.119   7.649   13.479  1.00 74.75  ? 130 HOH A O   1 
HETATM 670 O  O   . HOH C 3 .  ? 11.424  15.121  5.827   1.00 64.06  ? 131 HOH A O   1 
HETATM 671 O  O   . HOH C 3 .  ? -0.548  2.893   -15.141 1.00 108.50 ? 132 HOH A O   1 
HETATM 672 O  O   . HOH C 3 .  ? 9.290   -14.665 1.057   1.00 69.96  ? 133 HOH A O   1 
HETATM 673 O  O   . HOH C 3 .  ? 13.067  0.382   11.359  1.00 98.54  ? 134 HOH A O   1 
HETATM 674 O  O   . HOH C 3 .  ? -13.316 -10.335 2.090   1.00 70.08  ? 135 HOH A O   1 
HETATM 675 O  O   . HOH C 3 .  ? -6.600  -11.637 6.606   1.00 82.83  ? 136 HOH A O   1 
HETATM 676 O  O   . HOH C 3 .  ? -5.940  -7.480  8.296   1.00 84.12  ? 137 HOH A O   1 
HETATM 677 O  O   . HOH C 3 .  ? -7.958  -1.587  5.290   1.00 73.70  ? 138 HOH A O   1 
HETATM 678 O  O   . HOH C 3 .  ? -3.158  -9.918  9.711   1.00 69.83  ? 139 HOH A O   1 
HETATM 679 O  O   . HOH C 3 .  ? 9.107   15.626  -8.578  1.00 71.72  ? 140 HOH A O   1 
# 
